data_8S84
#
_entry.id   8S84
#
_cell.length_a   110.970
_cell.length_b   152.462
_cell.length_c   70.125
_cell.angle_alpha   90.00
_cell.angle_beta   90.00
_cell.angle_gamma   90.00
#
_symmetry.space_group_name_H-M   'P 21 21 2'
#
loop_
_entity.id
_entity.type
_entity.pdbx_description
1 polymer 'DNA polymerase'
2 polymer "DNA (5'-D(*GP*AP*CP*CP*AP*CP*GP*GP*CP*CP*AP*CP*A*(XG4))-3')"
3 polymer "DNA (5'-D(P*AP*CP*TP*GP*TP*GP*GP*CP*CP*GP*TP*GP*GP*TP*C)-3')"
4 non-polymer 'MAGNESIUM ION'
5 non-polymer "2'-deoxy-5'-O-[(R)-hydroxy{[(R)-hydroxy(phosphonooxy)phosphoryl]amino}phosphoryl]guanosine"
6 non-polymer 'MANGANESE (II) ION'
7 non-polymer IMIDAZOLE
8 non-polymer GLYCEROL
9 water water
#
loop_
_entity_poly.entity_id
_entity_poly.type
_entity_poly.pdbx_seq_one_letter_code
_entity_poly.pdbx_strand_id
1 'polypeptide(L)'
;MILDTDYITEDGKPVIRIFKKENGEFKIEYDRTFEPYFYALLKDDSAIEEVKKITAERHGTVVTVKRVEKVQKKFLGRPV
EVWKLYFTHPQDQPAIRDKIREHPAVIDIYEYDTPFAKRYLIDKGLVPMEGDEELKMLAFAIATLYHEGEEFAEGPILMI
SYADEEGARVITWKNVDLPYVDVVSTEREMIKRFLRVVKEKDPDVLITYNGDNFDFAYLKKRCEKLGINFALGRDGSEPK
IQRMGDRFAVEVKGRIHFDLYPVIRRTINLPTYTLEAVYEAVFGQPKEKVYAEEITTAWETGENLERVARYSMEDAKVTY
ELGKEFLPMEAQLSRLIGQSLWDVSRSSTGNLVEWFLLRKAYERNELAPNKPDEKELARRRQKYEGGYVKEPERGLWENI
VYLDFRSLYPSIIITHNVSPDTLNREGCGEYDVAPQVGHRFCKDLPGFIPSLLGDLLEERQKIKKKMKATIDPIERKLLD
YRQRLIKILANSVYGHMGFENARWYCKECAESVTAWGREYLTMTIKEIEEKYGFKVIYSDTDGFFATIPGADAETVKKKA
MEFLKYINAKLPGALELEYEGFYKRGFFVTKKKYAVIDEEGKITTRGLEIVRRDWSEIAKETQARVLEALLKDGDVEKAV
RIVKEVTEKLSKYEVPPEKLVIHKQITRDLKDYKATGPHVAVAKRLAARGVKIRPGTVISYIVLKGSGRIGDRAIPFDEF
DPTKHRYDAEYYIEKQVLPAVERILRAFGYRKEDLRYQKTRQVGLSAWLKPKGT
;
A
2 'polydeoxyribonucleotide' (DG)(DA)(DC)(DC)(DA)(DC)(DG)(DG)(DC)(DC)(DA)(DC)(DA) P
3 'polydeoxyribonucleotide' (DA)(DA)(DC)(DT)(DG)(DT)(DG)(DG)(DC)(DC)(DG)(DT)(DG)(DG)(DT)(DC) T
#
loop_
_chem_comp.id
_chem_comp.type
_chem_comp.name
_chem_comp.formula
DA DNA linking 2'-DEOXYADENOSINE-5'-MONOPHOSPHATE 'C10 H14 N5 O6 P'
DC DNA linking 2'-DEOXYCYTIDINE-5'-MONOPHOSPHATE 'C9 H14 N3 O7 P'
DG DNA linking 2'-DEOXYGUANOSINE-5'-MONOPHOSPHATE 'C10 H14 N5 O7 P'
DT DNA linking THYMIDINE-5'-MONOPHOSPHATE 'C10 H15 N2 O8 P'
GOL non-polymer GLYCEROL 'C3 H8 O3'
IMD non-polymer IMIDAZOLE 'C3 H5 N2 1'
MG non-polymer 'MAGNESIUM ION' 'Mg 2'
MN non-polymer 'MANGANESE (II) ION' 'Mn 2'
XG4 non-polymer 2'-deoxy-5'-O-[(R)-hydroxy{[(R)-hydroxy(phosphonooxy)phosphoryl]amino}phosphoryl]guanosine 'C10 H17 N6 O12 P3'
#
# COMPACT_ATOMS: atom_id res chain seq x y z
N MET A 1 -9.16 -23.46 8.09
CA MET A 1 -8.77 -22.14 7.60
C MET A 1 -8.61 -22.15 6.09
N ILE A 2 -9.37 -21.29 5.41
CA ILE A 2 -9.30 -21.19 3.96
C ILE A 2 -8.03 -20.45 3.57
N LEU A 3 -7.30 -20.98 2.59
CA LEU A 3 -6.09 -20.35 2.08
C LEU A 3 -6.32 -19.64 0.76
N ASP A 4 -7.01 -20.30 -0.18
CA ASP A 4 -7.17 -19.80 -1.53
C ASP A 4 -8.27 -20.61 -2.20
N THR A 5 -8.78 -20.11 -3.32
CA THR A 5 -9.72 -20.83 -4.15
C THR A 5 -9.34 -20.66 -5.61
N ASP A 6 -9.53 -21.71 -6.39
CA ASP A 6 -9.46 -21.64 -7.84
C ASP A 6 -10.46 -22.64 -8.40
N TYR A 7 -10.41 -22.87 -9.71
CA TYR A 7 -11.28 -23.85 -10.33
C TYR A 7 -10.54 -24.58 -11.44
N ILE A 8 -10.94 -25.83 -11.66
CA ILE A 8 -10.49 -26.62 -12.79
C ILE A 8 -11.71 -26.96 -13.63
N THR A 9 -11.46 -27.53 -14.81
CA THR A 9 -12.53 -27.90 -15.73
C THR A 9 -12.53 -29.41 -15.91
N GLU A 10 -13.60 -30.05 -15.45
CA GLU A 10 -13.79 -31.49 -15.59
C GLU A 10 -14.89 -31.72 -16.62
N ASP A 11 -14.50 -32.16 -17.81
CA ASP A 11 -15.43 -32.43 -18.91
C ASP A 11 -16.29 -31.21 -19.22
N GLY A 12 -15.64 -30.06 -19.36
CA GLY A 12 -16.32 -28.84 -19.70
C GLY A 12 -17.09 -28.18 -18.58
N LYS A 13 -17.06 -28.74 -17.38
CA LYS A 13 -17.83 -28.21 -16.26
C LYS A 13 -16.91 -27.67 -15.17
N PRO A 14 -17.23 -26.51 -14.61
CA PRO A 14 -16.33 -25.89 -13.62
C PRO A 14 -16.40 -26.61 -12.28
N VAL A 15 -15.24 -26.73 -11.64
CA VAL A 15 -15.11 -27.40 -10.35
C VAL A 15 -14.29 -26.50 -9.44
N ILE A 16 -14.93 -25.89 -8.44
CA ILE A 16 -14.23 -25.05 -7.49
C ILE A 16 -13.37 -25.90 -6.58
N ARG A 17 -12.14 -25.47 -6.35
CA ARG A 17 -11.26 -26.05 -5.34
C ARG A 17 -11.11 -25.05 -4.20
N ILE A 18 -11.26 -25.51 -2.97
CA ILE A 18 -11.01 -24.71 -1.77
C ILE A 18 -9.83 -25.31 -1.04
N PHE A 19 -8.73 -24.56 -0.96
CA PHE A 19 -7.50 -25.03 -0.33
C PHE A 19 -7.56 -24.66 1.15
N LYS A 20 -7.87 -25.65 1.99
CA LYS A 20 -8.03 -25.41 3.41
C LYS A 20 -6.85 -25.97 4.19
N LYS A 21 -6.74 -25.52 5.44
CA LYS A 21 -5.79 -26.07 6.40
C LYS A 21 -6.52 -26.21 7.73
N GLU A 22 -6.85 -27.44 8.11
CA GLU A 22 -7.63 -27.69 9.32
C GLU A 22 -6.96 -28.78 10.14
N ASN A 23 -6.76 -28.50 11.43
CA ASN A 23 -6.17 -29.44 12.38
C ASN A 23 -4.79 -29.91 11.91
N GLY A 24 -3.98 -28.95 11.46
CA GLY A 24 -2.65 -29.25 10.98
C GLY A 24 -2.58 -30.08 9.73
N GLU A 25 -3.70 -30.25 9.02
CA GLU A 25 -3.76 -31.08 7.82
C GLU A 25 -4.21 -30.24 6.63
N PHE A 26 -3.53 -30.42 5.51
CA PHE A 26 -3.90 -29.74 4.27
C PHE A 26 -4.98 -30.54 3.56
N LYS A 27 -6.10 -29.88 3.26
CA LYS A 27 -7.24 -30.52 2.63
C LYS A 27 -7.68 -29.70 1.42
N ILE A 28 -8.15 -30.41 0.39
CA ILE A 28 -8.67 -29.79 -0.83
C ILE A 28 -10.14 -30.19 -0.96
N GLU A 29 -11.03 -29.22 -0.79
CA GLU A 29 -12.46 -29.45 -0.94
C GLU A 29 -12.90 -29.05 -2.34
N TYR A 30 -13.75 -29.88 -2.94
CA TYR A 30 -14.27 -29.63 -4.28
C TYR A 30 -15.75 -29.31 -4.21
N ASP A 31 -16.19 -28.42 -5.11
CA ASP A 31 -17.59 -28.04 -5.23
C ASP A 31 -17.96 -28.02 -6.70
N ARG A 32 -18.77 -28.98 -7.14
CA ARG A 32 -19.19 -29.10 -8.52
C ARG A 32 -20.60 -28.54 -8.74
N THR A 33 -21.11 -27.76 -7.79
CA THR A 33 -22.48 -27.28 -7.85
C THR A 33 -22.61 -25.79 -8.15
N PHE A 34 -21.52 -25.03 -8.10
CA PHE A 34 -21.58 -23.60 -8.32
C PHE A 34 -21.77 -23.30 -9.80
N GLU A 35 -22.70 -22.39 -10.11
CA GLU A 35 -22.98 -22.05 -11.50
C GLU A 35 -22.56 -20.62 -11.80
N PRO A 36 -21.89 -20.38 -12.92
CA PRO A 36 -21.55 -19.01 -13.31
C PRO A 36 -22.74 -18.26 -13.85
N TYR A 37 -22.70 -16.93 -13.70
CA TYR A 37 -23.85 -16.11 -14.04
C TYR A 37 -23.43 -14.65 -14.13
N PHE A 38 -24.28 -13.86 -14.79
CA PHE A 38 -24.29 -12.41 -14.62
C PHE A 38 -25.72 -11.94 -14.82
N TYR A 39 -25.94 -10.64 -14.66
CA TYR A 39 -27.28 -10.07 -14.69
C TYR A 39 -27.49 -9.27 -15.97
N ALA A 40 -28.77 -9.10 -16.31
CA ALA A 40 -29.19 -8.28 -17.44
C ALA A 40 -30.50 -7.60 -17.09
N LEU A 41 -30.58 -6.31 -17.41
CA LEU A 41 -31.78 -5.51 -17.15
C LEU A 41 -32.40 -5.17 -18.50
N LEU A 42 -33.54 -5.79 -18.81
CA LEU A 42 -34.15 -5.64 -20.12
C LEU A 42 -35.17 -4.50 -20.14
N LYS A 43 -35.64 -4.18 -21.35
CA LYS A 43 -36.66 -3.15 -21.51
C LYS A 43 -38.02 -3.65 -21.03
N ASP A 44 -38.47 -4.79 -21.56
CA ASP A 44 -39.65 -5.47 -21.05
C ASP A 44 -39.24 -6.76 -20.36
N ASP A 45 -40.08 -7.20 -19.41
CA ASP A 45 -39.79 -8.43 -18.69
C ASP A 45 -40.38 -9.62 -19.45
N SER A 46 -40.43 -9.52 -20.77
CA SER A 46 -40.95 -10.59 -21.62
C SER A 46 -40.05 -10.98 -22.77
N ALA A 47 -39.12 -10.12 -23.19
CA ALA A 47 -38.24 -10.44 -24.31
C ALA A 47 -37.24 -11.52 -23.97
N ILE A 48 -37.23 -12.05 -22.74
CA ILE A 48 -36.18 -13.01 -22.40
C ILE A 48 -36.19 -14.27 -23.23
N GLU A 49 -37.31 -14.64 -23.82
CA GLU A 49 -37.30 -15.78 -24.73
C GLU A 49 -36.26 -15.56 -25.83
N GLU A 50 -36.30 -14.38 -26.45
CA GLU A 50 -35.25 -14.00 -27.39
C GLU A 50 -33.89 -13.96 -26.72
N VAL A 51 -33.83 -13.51 -25.46
CA VAL A 51 -32.55 -13.40 -24.76
C VAL A 51 -32.03 -14.77 -24.34
N LYS A 52 -32.92 -15.73 -24.12
CA LYS A 52 -32.49 -17.10 -23.93
C LYS A 52 -31.72 -17.60 -25.16
N LYS A 53 -32.12 -17.16 -26.35
CA LYS A 53 -31.64 -17.78 -27.57
C LYS A 53 -30.32 -17.23 -28.11
N ILE A 54 -29.76 -16.14 -27.58
CA ILE A 54 -28.49 -15.70 -28.14
C ILE A 54 -27.42 -16.74 -27.84
N THR A 55 -26.60 -17.02 -28.84
CA THR A 55 -25.47 -17.92 -28.75
C THR A 55 -24.21 -17.16 -29.14
N ALA A 56 -23.08 -17.85 -29.04
CA ALA A 56 -21.79 -17.31 -29.48
C ALA A 56 -20.82 -18.46 -29.60
N GLU A 57 -19.67 -18.18 -30.19
CA GLU A 57 -18.61 -19.18 -30.37
C GLU A 57 -17.48 -18.92 -29.38
N ARG A 58 -16.90 -19.99 -28.86
CA ARG A 58 -15.74 -19.88 -27.98
C ARG A 58 -14.54 -20.57 -28.60
N HIS A 59 -14.48 -21.90 -28.47
CA HIS A 59 -13.36 -22.70 -28.97
C HIS A 59 -13.94 -23.86 -29.80
N GLY A 60 -14.42 -23.53 -30.99
CA GLY A 60 -15.12 -24.52 -31.80
C GLY A 60 -16.36 -25.07 -31.13
N THR A 61 -16.99 -24.28 -30.26
CA THR A 61 -18.13 -24.72 -29.47
C THR A 61 -19.07 -23.54 -29.30
N VAL A 62 -20.36 -23.77 -29.53
CA VAL A 62 -21.35 -22.71 -29.35
C VAL A 62 -21.61 -22.52 -27.87
N VAL A 63 -21.54 -21.26 -27.41
CA VAL A 63 -21.85 -20.93 -26.03
C VAL A 63 -23.30 -20.48 -25.98
N THR A 64 -24.02 -20.92 -24.96
CA THR A 64 -25.44 -20.66 -24.84
C THR A 64 -25.77 -20.30 -23.40
N VAL A 65 -26.78 -19.44 -23.23
CA VAL A 65 -27.35 -19.22 -21.92
C VAL A 65 -28.02 -20.51 -21.47
N LYS A 66 -27.52 -21.07 -20.37
CA LYS A 66 -28.10 -22.31 -19.86
C LYS A 66 -29.53 -22.07 -19.39
N ARG A 67 -29.69 -21.37 -18.26
CA ARG A 67 -31.00 -21.08 -17.71
C ARG A 67 -31.08 -19.62 -17.29
N VAL A 68 -32.31 -19.15 -17.07
CA VAL A 68 -32.60 -17.78 -16.68
C VAL A 68 -33.55 -17.82 -15.48
N GLU A 69 -33.61 -16.72 -14.75
CA GLU A 69 -34.41 -16.68 -13.53
C GLU A 69 -34.71 -15.24 -13.15
N LYS A 70 -35.97 -14.97 -12.81
CA LYS A 70 -36.38 -13.64 -12.35
C LYS A 70 -35.82 -13.36 -10.97
N VAL A 71 -35.10 -12.25 -10.83
CA VAL A 71 -34.55 -11.82 -9.55
C VAL A 71 -34.98 -10.39 -9.30
N GLN A 72 -35.28 -10.08 -8.05
CA GLN A 72 -35.50 -8.72 -7.60
C GLN A 72 -34.32 -8.31 -6.72
N LYS A 73 -33.56 -7.33 -7.19
CA LYS A 73 -32.41 -6.82 -6.45
C LYS A 73 -32.60 -5.33 -6.21
N LYS A 74 -31.74 -4.78 -5.35
CA LYS A 74 -31.77 -3.36 -5.01
C LYS A 74 -30.75 -2.62 -5.87
N PHE A 75 -31.23 -1.71 -6.69
CA PHE A 75 -30.39 -0.89 -7.58
C PHE A 75 -30.83 0.55 -7.45
N LEU A 76 -29.85 1.44 -7.20
CA LEU A 76 -30.12 2.86 -6.99
C LEU A 76 -31.01 3.11 -5.77
N GLY A 77 -30.93 2.22 -4.78
CA GLY A 77 -31.72 2.37 -3.57
C GLY A 77 -33.18 1.96 -3.69
N ARG A 78 -33.64 1.57 -4.88
CA ARG A 78 -35.00 1.10 -5.04
C ARG A 78 -35.00 -0.29 -5.66
N PRO A 79 -35.94 -1.16 -5.26
CA PRO A 79 -35.94 -2.54 -5.76
C PRO A 79 -36.29 -2.57 -7.24
N VAL A 80 -35.37 -3.12 -8.04
CA VAL A 80 -35.56 -3.26 -9.48
C VAL A 80 -35.62 -4.74 -9.81
N GLU A 81 -36.37 -5.08 -10.85
CA GLU A 81 -36.50 -6.45 -11.32
C GLU A 81 -35.42 -6.73 -12.37
N VAL A 82 -34.52 -7.65 -12.06
CA VAL A 82 -33.38 -7.96 -12.92
C VAL A 82 -33.44 -9.43 -13.31
N TRP A 83 -32.78 -9.74 -14.41
CA TRP A 83 -32.80 -11.08 -14.99
C TRP A 83 -31.42 -11.72 -14.78
N LYS A 84 -31.39 -12.89 -14.16
CA LYS A 84 -30.15 -13.61 -13.91
C LYS A 84 -29.91 -14.61 -15.04
N LEU A 85 -28.72 -14.54 -15.63
CA LEU A 85 -28.37 -15.35 -16.80
C LEU A 85 -27.31 -16.38 -16.38
N TYR A 86 -27.70 -17.65 -16.33
CA TYR A 86 -26.80 -18.72 -15.94
C TYR A 86 -26.07 -19.28 -17.16
N PHE A 87 -24.82 -19.68 -16.97
CA PHE A 87 -24.00 -20.22 -18.03
C PHE A 87 -23.37 -21.53 -17.55
N THR A 88 -22.82 -22.27 -18.51
CA THR A 88 -22.18 -23.54 -18.17
C THR A 88 -20.79 -23.32 -17.57
N HIS A 89 -19.98 -22.47 -18.20
CA HIS A 89 -18.60 -22.28 -17.83
C HIS A 89 -18.29 -20.80 -17.68
N PRO A 90 -17.41 -20.43 -16.75
CA PRO A 90 -17.07 -19.01 -16.58
C PRO A 90 -16.52 -18.37 -17.85
N GLN A 91 -15.64 -19.06 -18.57
CA GLN A 91 -15.07 -18.50 -19.79
C GLN A 91 -16.11 -18.29 -20.88
N ASP A 92 -17.34 -18.76 -20.70
CA ASP A 92 -18.40 -18.42 -21.64
C ASP A 92 -18.72 -16.93 -21.57
N GLN A 93 -18.78 -16.38 -20.36
CA GLN A 93 -19.25 -15.01 -20.14
C GLN A 93 -18.57 -13.97 -21.03
N PRO A 94 -17.23 -13.87 -21.10
CA PRO A 94 -16.64 -12.85 -21.98
C PRO A 94 -16.90 -13.09 -23.45
N ALA A 95 -17.09 -14.35 -23.86
CA ALA A 95 -17.37 -14.67 -25.25
C ALA A 95 -18.80 -14.35 -25.67
N ILE A 96 -19.69 -14.10 -24.72
CA ILE A 96 -21.10 -13.86 -25.03
C ILE A 96 -21.60 -12.53 -24.47
N ARG A 97 -20.93 -11.94 -23.48
CA ARG A 97 -21.44 -10.75 -22.82
C ARG A 97 -21.74 -9.62 -23.79
N ASP A 98 -20.87 -9.42 -24.79
CA ASP A 98 -21.11 -8.33 -25.74
C ASP A 98 -22.31 -8.61 -26.62
N LYS A 99 -22.46 -9.86 -27.08
CA LYS A 99 -23.62 -10.22 -27.89
C LYS A 99 -24.92 -9.98 -27.15
N ILE A 100 -24.90 -10.12 -25.82
CA ILE A 100 -26.10 -9.86 -25.03
C ILE A 100 -26.37 -8.37 -24.96
N ARG A 101 -25.38 -7.59 -24.49
CA ARG A 101 -25.53 -6.14 -24.39
C ARG A 101 -26.05 -5.52 -25.68
N GLU A 102 -25.52 -5.97 -26.83
CA GLU A 102 -25.91 -5.43 -28.12
C GLU A 102 -27.36 -5.73 -28.49
N HIS A 103 -28.03 -6.63 -27.77
CA HIS A 103 -29.44 -6.88 -28.01
C HIS A 103 -30.23 -5.62 -27.65
N PRO A 104 -31.16 -5.18 -28.50
CA PRO A 104 -31.90 -3.94 -28.20
C PRO A 104 -32.75 -4.01 -26.95
N ALA A 105 -33.29 -5.18 -26.60
CA ALA A 105 -34.20 -5.27 -25.48
C ALA A 105 -33.51 -5.13 -24.13
N VAL A 106 -32.19 -5.34 -24.06
CA VAL A 106 -31.44 -5.25 -22.81
C VAL A 106 -30.73 -3.90 -22.77
N ILE A 107 -30.85 -3.21 -21.64
CA ILE A 107 -30.22 -1.90 -21.48
C ILE A 107 -28.74 -2.04 -21.16
N ASP A 108 -28.42 -2.92 -20.20
CA ASP A 108 -27.02 -3.14 -19.81
C ASP A 108 -26.95 -4.45 -19.04
N ILE A 109 -25.72 -4.93 -18.86
CA ILE A 109 -25.46 -6.14 -18.09
C ILE A 109 -24.58 -5.78 -16.90
N TYR A 110 -24.67 -6.58 -15.84
CA TYR A 110 -24.03 -6.26 -14.58
C TYR A 110 -23.37 -7.50 -13.99
N GLU A 111 -22.24 -7.27 -13.31
CA GLU A 111 -21.51 -8.32 -12.61
C GLU A 111 -21.08 -9.44 -13.55
N TYR A 112 -20.59 -9.05 -14.73
CA TYR A 112 -20.18 -9.98 -15.76
C TYR A 112 -18.69 -10.25 -15.79
N ASP A 113 -17.91 -9.56 -14.95
CA ASP A 113 -16.45 -9.65 -14.98
C ASP A 113 -15.86 -10.11 -13.66
N THR A 114 -16.69 -10.54 -12.71
CA THR A 114 -16.17 -11.01 -11.43
C THR A 114 -15.59 -12.41 -11.60
N PRO A 115 -14.31 -12.63 -11.27
CA PRO A 115 -13.71 -13.95 -11.49
C PRO A 115 -14.40 -15.03 -10.68
N PHE A 116 -14.47 -16.23 -11.27
CA PHE A 116 -15.21 -17.35 -10.70
C PHE A 116 -14.79 -17.65 -9.27
N ALA A 117 -13.50 -17.95 -9.07
CA ALA A 117 -13.04 -18.36 -7.75
C ALA A 117 -13.28 -17.29 -6.70
N LYS A 118 -13.27 -16.02 -7.09
CA LYS A 118 -13.50 -14.94 -6.14
C LYS A 118 -14.99 -14.71 -5.90
N ARG A 119 -15.83 -14.89 -6.93
CA ARG A 119 -17.27 -14.84 -6.72
C ARG A 119 -17.72 -15.94 -5.77
N TYR A 120 -17.12 -17.13 -5.89
CA TYR A 120 -17.43 -18.22 -4.97
C TYR A 120 -17.25 -17.78 -3.51
N LEU A 121 -16.09 -17.19 -3.20
CA LEU A 121 -15.84 -16.72 -1.84
C LEU A 121 -16.90 -15.73 -1.39
N ILE A 122 -17.36 -14.86 -2.29
CA ILE A 122 -18.34 -13.85 -1.94
C ILE A 122 -19.72 -14.48 -1.79
N ASP A 123 -20.20 -15.15 -2.84
CA ASP A 123 -21.54 -15.73 -2.81
C ASP A 123 -21.67 -16.77 -1.70
N LYS A 124 -20.70 -17.69 -1.61
CA LYS A 124 -20.72 -18.70 -0.57
C LYS A 124 -20.42 -18.14 0.81
N GLY A 125 -20.13 -16.84 0.93
CA GLY A 125 -19.94 -16.23 2.24
C GLY A 125 -18.75 -16.74 3.01
N LEU A 126 -17.68 -17.12 2.31
CA LEU A 126 -16.49 -17.66 2.96
C LEU A 126 -15.43 -16.57 3.10
N VAL A 127 -14.63 -16.67 4.16
CA VAL A 127 -13.62 -15.69 4.48
C VAL A 127 -12.30 -16.40 4.69
N PRO A 128 -11.28 -16.17 3.86
CA PRO A 128 -9.99 -16.84 4.08
C PRO A 128 -9.25 -16.23 5.26
N MET A 129 -8.29 -17.01 5.76
CA MET A 129 -7.33 -16.59 6.78
C MET A 129 -7.96 -16.37 8.15
N GLU A 130 -9.08 -17.00 8.45
CA GLU A 130 -9.69 -16.90 9.77
C GLU A 130 -9.53 -18.22 10.51
N GLY A 131 -9.30 -18.13 11.81
CA GLY A 131 -9.02 -19.27 12.66
C GLY A 131 -7.70 -19.11 13.39
N ASP A 132 -7.37 -20.16 14.14
CA ASP A 132 -6.14 -20.18 14.93
C ASP A 132 -5.07 -21.09 14.33
N GLU A 133 -5.23 -21.49 13.07
CA GLU A 133 -4.29 -22.41 12.46
C GLU A 133 -2.94 -21.76 12.25
N GLU A 134 -1.88 -22.44 12.72
CA GLU A 134 -0.51 -21.97 12.55
C GLU A 134 0.02 -22.52 11.23
N LEU A 135 0.30 -21.62 10.29
CA LEU A 135 0.76 -22.03 8.97
C LEU A 135 2.26 -22.26 8.98
N LYS A 136 2.70 -23.31 8.28
CA LYS A 136 4.11 -23.60 8.14
C LYS A 136 4.69 -22.75 7.01
N MET A 137 5.70 -21.95 7.32
CA MET A 137 6.29 -21.02 6.38
C MET A 137 7.70 -21.45 6.02
N LEU A 138 8.15 -21.04 4.84
CA LEU A 138 9.49 -21.35 4.38
C LEU A 138 9.91 -20.28 3.39
N ALA A 139 11.04 -19.63 3.67
CA ALA A 139 11.60 -18.63 2.77
C ALA A 139 12.69 -19.25 1.92
N PHE A 140 12.95 -18.64 0.77
CA PHE A 140 14.06 -19.08 -0.06
C PHE A 140 14.57 -17.93 -0.92
N ALA A 141 15.86 -17.97 -1.22
CA ALA A 141 16.51 -17.01 -2.09
C ALA A 141 17.58 -17.74 -2.89
N ILE A 142 18.03 -17.12 -3.98
CA ILE A 142 18.97 -17.75 -4.90
C ILE A 142 20.13 -16.79 -5.15
N ALA A 143 21.19 -17.36 -5.74
CA ALA A 143 22.35 -16.61 -6.20
C ALA A 143 22.71 -17.08 -7.60
N THR A 144 23.09 -16.14 -8.46
CA THR A 144 23.13 -16.38 -9.90
C THR A 144 24.45 -15.91 -10.50
N LEU A 145 24.88 -16.58 -11.55
CA LEU A 145 26.06 -16.16 -12.32
C LEU A 145 25.63 -15.10 -13.31
N TYR A 146 26.02 -13.86 -13.08
CA TYR A 146 25.67 -12.74 -13.93
C TYR A 146 26.89 -12.21 -14.67
N HIS A 147 26.70 -11.88 -15.94
CA HIS A 147 27.64 -11.05 -16.69
C HIS A 147 26.83 -9.99 -17.40
N GLU A 148 27.42 -8.82 -17.58
CA GLU A 148 26.77 -7.76 -18.32
C GLU A 148 26.54 -8.20 -19.77
N GLY A 149 25.30 -8.10 -20.23
CA GLY A 149 25.01 -8.40 -21.61
C GLY A 149 24.21 -9.66 -21.83
N GLU A 150 24.64 -10.78 -21.25
CA GLU A 150 23.94 -12.04 -21.49
C GLU A 150 22.49 -11.96 -21.04
N GLU A 151 21.61 -12.51 -21.88
CA GLU A 151 20.17 -12.47 -21.69
C GLU A 151 19.76 -13.02 -20.33
N PHE A 152 18.50 -12.80 -19.95
CA PHE A 152 18.02 -13.29 -18.66
C PHE A 152 18.20 -14.80 -18.57
N ALA A 153 18.76 -15.24 -17.45
CA ALA A 153 19.00 -16.65 -17.16
C ALA A 153 19.91 -17.32 -18.18
N GLU A 154 20.75 -16.55 -18.87
CA GLU A 154 21.77 -17.14 -19.73
C GLU A 154 22.73 -17.99 -18.90
N GLY A 155 23.02 -17.56 -17.68
CA GLY A 155 23.89 -18.29 -16.79
C GLY A 155 23.12 -19.15 -15.81
N PRO A 156 23.84 -19.83 -14.91
CA PRO A 156 23.19 -20.76 -13.99
C PRO A 156 22.89 -20.17 -12.61
N ILE A 157 22.03 -20.86 -11.85
CA ILE A 157 21.80 -20.55 -10.44
C ILE A 157 22.96 -21.15 -9.66
N LEU A 158 23.83 -20.31 -9.11
CA LEU A 158 24.99 -20.84 -8.42
C LEU A 158 24.60 -21.53 -7.12
N MET A 159 23.75 -20.89 -6.31
CA MET A 159 23.33 -21.47 -5.04
C MET A 159 21.86 -21.15 -4.77
N ILE A 160 21.25 -21.97 -3.93
CA ILE A 160 19.89 -21.78 -3.45
C ILE A 160 19.90 -21.85 -1.93
N SER A 161 19.26 -20.89 -1.27
CA SER A 161 19.18 -20.84 0.17
C SER A 161 17.72 -20.92 0.60
N TYR A 162 17.52 -21.35 1.84
CA TYR A 162 16.18 -21.43 2.41
C TYR A 162 16.29 -21.35 3.93
N ALA A 163 15.20 -20.93 4.56
CA ALA A 163 15.18 -20.72 6.00
C ALA A 163 13.77 -20.91 6.53
N ASP A 164 13.69 -21.43 7.77
CA ASP A 164 12.43 -21.61 8.48
C ASP A 164 12.64 -21.60 9.99
N GLU A 165 11.82 -22.34 10.73
CA GLU A 165 12.00 -22.42 12.17
C GLU A 165 13.15 -23.34 12.58
N GLU A 166 13.71 -24.10 11.64
CA GLU A 166 14.88 -24.94 11.90
C GLU A 166 16.19 -24.25 11.52
N GLY A 167 16.14 -23.01 11.05
CA GLY A 167 17.32 -22.28 10.66
C GLY A 167 17.42 -22.13 9.16
N ALA A 168 18.59 -21.67 8.72
CA ALA A 168 18.87 -21.43 7.32
C ALA A 168 19.94 -22.38 6.81
N ARG A 169 19.82 -22.76 5.53
CA ARG A 169 20.77 -23.64 4.87
C ARG A 169 21.02 -23.14 3.46
N VAL A 170 22.11 -23.62 2.87
CA VAL A 170 22.50 -23.26 1.51
C VAL A 170 22.79 -24.53 0.72
N ILE A 171 22.45 -24.52 -0.56
CA ILE A 171 22.70 -25.65 -1.46
C ILE A 171 23.39 -25.11 -2.70
N THR A 172 24.55 -25.70 -3.04
CA THR A 172 25.31 -25.30 -4.21
C THR A 172 26.04 -26.53 -4.74
N TRP A 173 26.65 -26.39 -5.92
CA TRP A 173 27.37 -27.52 -6.50
C TRP A 173 28.88 -27.41 -6.39
N LYS A 174 29.44 -26.21 -6.27
CA LYS A 174 30.84 -26.07 -5.94
C LYS A 174 31.06 -26.32 -4.45
N ASN A 175 32.18 -26.92 -4.11
CA ASN A 175 32.43 -27.32 -2.72
C ASN A 175 32.72 -26.08 -1.89
N VAL A 176 31.76 -25.71 -1.05
CA VAL A 176 31.94 -24.67 -0.04
C VAL A 176 31.85 -25.35 1.32
N ASP A 177 32.90 -25.21 2.12
CA ASP A 177 33.01 -25.90 3.41
C ASP A 177 32.45 -24.99 4.49
N LEU A 178 31.21 -25.22 4.88
CA LEU A 178 30.56 -24.47 5.95
C LEU A 178 29.49 -25.35 6.57
N PRO A 179 29.09 -25.08 7.82
CA PRO A 179 28.13 -25.96 8.50
C PRO A 179 26.69 -25.83 7.99
N TYR A 180 26.37 -24.80 7.21
CA TYR A 180 25.02 -24.61 6.70
C TYR A 180 24.95 -24.73 5.18
N VAL A 181 25.95 -25.33 4.57
CA VAL A 181 26.02 -25.47 3.12
C VAL A 181 25.98 -26.96 2.76
N ASP A 182 25.19 -27.29 1.74
CA ASP A 182 25.10 -28.64 1.21
C ASP A 182 25.56 -28.61 -0.24
N VAL A 183 26.63 -29.35 -0.52
CA VAL A 183 27.21 -29.39 -1.87
C VAL A 183 26.66 -30.59 -2.62
N VAL A 184 26.44 -30.40 -3.92
CA VAL A 184 25.95 -31.43 -4.82
C VAL A 184 26.82 -31.44 -6.07
N SER A 185 26.46 -32.30 -7.03
CA SER A 185 27.27 -32.45 -8.23
C SER A 185 27.04 -31.30 -9.21
N THR A 186 25.79 -31.00 -9.54
CA THR A 186 25.48 -30.05 -10.60
C THR A 186 24.31 -29.17 -10.19
N GLU A 187 23.99 -28.22 -11.07
CA GLU A 187 22.81 -27.38 -10.91
C GLU A 187 21.55 -28.23 -10.79
N ARG A 188 21.40 -29.23 -11.65
CA ARG A 188 20.23 -30.09 -11.63
C ARG A 188 20.02 -30.67 -10.25
N GLU A 189 21.01 -31.41 -9.75
CA GLU A 189 20.91 -32.00 -8.41
C GLU A 189 20.67 -30.94 -7.34
N MET A 190 21.05 -29.69 -7.58
CA MET A 190 20.75 -28.62 -6.62
C MET A 190 19.27 -28.24 -6.67
N ILE A 191 18.79 -27.83 -7.85
CA ILE A 191 17.38 -27.49 -8.00
C ILE A 191 16.51 -28.68 -7.66
N LYS A 192 16.91 -29.88 -8.09
CA LYS A 192 16.18 -31.08 -7.73
C LYS A 192 16.20 -31.30 -6.23
N ARG A 193 17.34 -31.02 -5.58
CA ARG A 193 17.41 -31.17 -4.13
C ARG A 193 16.49 -30.17 -3.43
N PHE A 194 16.48 -28.92 -3.89
CA PHE A 194 15.61 -27.91 -3.28
C PHE A 194 14.15 -28.31 -3.38
N LEU A 195 13.75 -28.89 -4.52
CA LEU A 195 12.39 -29.42 -4.66
C LEU A 195 12.11 -30.48 -3.61
N ARG A 196 13.07 -31.38 -3.39
CA ARG A 196 12.88 -32.42 -2.37
C ARG A 196 12.64 -31.81 -1.00
N VAL A 197 13.24 -30.66 -0.71
CA VAL A 197 13.03 -30.01 0.58
C VAL A 197 11.61 -29.50 0.70
N VAL A 198 11.20 -28.62 -0.22
CA VAL A 198 9.89 -27.98 -0.13
C VAL A 198 8.78 -29.04 -0.05
N LYS A 199 8.86 -30.06 -0.90
CA LYS A 199 7.88 -31.14 -0.85
C LYS A 199 7.90 -31.83 0.50
N GLU A 200 9.08 -31.95 1.12
CA GLU A 200 9.19 -32.64 2.39
C GLU A 200 8.64 -31.80 3.53
N LYS A 201 9.02 -30.53 3.61
CA LYS A 201 8.55 -29.67 4.70
C LYS A 201 7.08 -29.33 4.54
N ASP A 202 6.56 -29.33 3.31
CA ASP A 202 5.17 -29.00 3.03
C ASP A 202 4.75 -27.67 3.63
N PRO A 203 5.35 -26.55 3.20
CA PRO A 203 4.99 -25.26 3.79
C PRO A 203 3.71 -24.70 3.17
N ASP A 204 2.92 -24.03 4.00
CA ASP A 204 1.73 -23.34 3.50
C ASP A 204 2.10 -22.01 2.84
N VAL A 205 3.16 -21.37 3.31
CA VAL A 205 3.58 -20.06 2.80
C VAL A 205 5.00 -20.19 2.27
N LEU A 206 5.21 -19.73 1.05
CA LEU A 206 6.55 -19.62 0.45
C LEU A 206 6.90 -18.14 0.43
N ILE A 207 7.83 -17.73 1.28
CA ILE A 207 8.21 -16.33 1.43
C ILE A 207 9.37 -16.04 0.51
N THR A 208 9.26 -14.96 -0.27
CA THR A 208 10.35 -14.49 -1.12
C THR A 208 10.46 -12.98 -0.98
N TYR A 209 11.55 -12.44 -1.50
CA TYR A 209 11.72 -10.99 -1.69
C TYR A 209 11.95 -10.76 -3.17
N ASN A 210 10.93 -10.24 -3.86
CA ASN A 210 10.92 -10.04 -5.31
C ASN A 210 10.89 -11.36 -6.07
N GLY A 211 10.42 -12.44 -5.46
CA GLY A 211 10.26 -13.69 -6.19
C GLY A 211 9.23 -13.60 -7.30
N ASP A 212 8.32 -12.63 -7.23
CA ASP A 212 7.32 -12.45 -8.28
C ASP A 212 7.96 -12.10 -9.61
N ASN A 213 9.13 -11.46 -9.59
CA ASN A 213 9.74 -10.95 -10.81
C ASN A 213 11.16 -11.43 -11.04
N PHE A 214 11.75 -12.21 -10.14
CA PHE A 214 13.10 -12.72 -10.39
C PHE A 214 13.27 -14.18 -10.02
N ASP A 215 13.25 -14.50 -8.71
CA ASP A 215 13.65 -15.82 -8.24
C ASP A 215 12.90 -16.94 -8.97
N PHE A 216 11.58 -16.84 -9.02
CA PHE A 216 10.78 -17.91 -9.62
C PHE A 216 11.04 -18.05 -11.12
N ALA A 217 11.18 -16.92 -11.81
CA ALA A 217 11.36 -16.96 -13.26
C ALA A 217 12.74 -17.48 -13.63
N TYR A 218 13.76 -17.14 -12.83
CA TYR A 218 15.07 -17.74 -13.02
C TYR A 218 15.00 -19.25 -12.84
N LEU A 219 14.42 -19.70 -11.72
CA LEU A 219 14.21 -21.13 -11.49
C LEU A 219 13.38 -21.75 -12.60
N LYS A 220 12.53 -20.97 -13.27
CA LYS A 220 11.78 -21.48 -14.41
C LYS A 220 12.69 -21.74 -15.60
N LYS A 221 13.43 -20.71 -16.02
CA LYS A 221 14.22 -20.80 -17.25
C LYS A 221 15.27 -21.89 -17.18
N ARG A 222 15.98 -22.00 -16.05
CA ARG A 222 16.93 -23.09 -15.90
C ARG A 222 16.21 -24.44 -15.93
N CYS A 223 15.14 -24.58 -15.13
CA CYS A 223 14.43 -25.85 -15.05
C CYS A 223 14.04 -26.36 -16.43
N GLU A 224 13.70 -25.47 -17.37
CA GLU A 224 13.39 -25.93 -18.72
C GLU A 224 14.66 -26.15 -19.54
N LYS A 225 15.53 -25.14 -19.58
CA LYS A 225 16.84 -25.23 -20.23
C LYS A 225 17.64 -26.41 -19.70
N LEU A 226 17.21 -26.97 -18.58
CA LEU A 226 17.89 -28.07 -17.91
C LEU A 226 17.04 -29.32 -17.77
N GLY A 227 15.71 -29.21 -17.75
CA GLY A 227 14.85 -30.38 -17.81
C GLY A 227 14.34 -30.90 -16.47
N ILE A 228 13.97 -30.00 -15.57
CA ILE A 228 13.39 -30.38 -14.28
C ILE A 228 11.93 -29.92 -14.25
N ASN A 229 11.11 -30.70 -13.56
CA ASN A 229 9.71 -30.35 -13.34
C ASN A 229 9.58 -29.75 -11.95
N PHE A 230 9.37 -28.43 -11.90
CA PHE A 230 9.25 -27.68 -10.66
C PHE A 230 7.87 -27.95 -10.05
N ALA A 231 7.74 -29.10 -9.39
CA ALA A 231 6.47 -29.50 -8.80
C ALA A 231 6.28 -28.90 -7.41
N LEU A 232 6.48 -27.59 -7.29
CA LEU A 232 6.29 -26.92 -6.00
C LEU A 232 4.85 -26.94 -5.54
N GLY A 233 3.88 -27.02 -6.45
CA GLY A 233 2.50 -27.06 -6.05
C GLY A 233 2.16 -28.31 -5.26
N ARG A 234 1.18 -28.18 -4.36
CA ARG A 234 0.67 -29.32 -3.62
C ARG A 234 -0.20 -30.25 -4.46
N ASP A 235 -0.67 -29.79 -5.63
CA ASP A 235 -1.31 -30.64 -6.61
C ASP A 235 -0.32 -31.23 -7.61
N GLY A 236 0.97 -31.09 -7.36
CA GLY A 236 1.98 -31.51 -8.32
C GLY A 236 2.18 -30.56 -9.47
N SER A 237 1.71 -29.32 -9.37
CA SER A 237 1.83 -28.37 -10.47
C SER A 237 3.13 -27.59 -10.35
N GLU A 238 3.39 -26.79 -11.38
CA GLU A 238 4.51 -25.88 -11.42
C GLU A 238 4.07 -24.49 -11.02
N PRO A 239 5.00 -23.65 -10.55
CA PRO A 239 4.64 -22.26 -10.25
C PRO A 239 3.93 -21.61 -11.43
N LYS A 240 2.80 -20.98 -11.14
CA LYS A 240 1.95 -20.39 -12.16
C LYS A 240 2.17 -18.89 -12.21
N ILE A 241 2.42 -18.36 -13.42
CA ILE A 241 2.70 -16.95 -13.62
C ILE A 241 1.42 -16.24 -14.02
N GLN A 242 1.18 -15.08 -13.40
CA GLN A 242 0.09 -14.19 -13.75
C GLN A 242 0.67 -12.85 -14.17
N ARG A 243 -0.21 -11.91 -14.52
CA ARG A 243 0.20 -10.58 -14.98
C ARG A 243 -0.37 -9.54 -14.02
N MET A 244 0.44 -9.09 -13.06
CA MET A 244 0.07 -8.00 -12.16
C MET A 244 0.54 -6.70 -12.81
N GLY A 245 -0.26 -6.23 -13.77
CA GLY A 245 0.09 -5.03 -14.51
C GLY A 245 1.24 -5.28 -15.48
N ASP A 246 2.10 -4.26 -15.61
CA ASP A 246 3.28 -4.40 -16.46
C ASP A 246 4.17 -5.54 -15.99
N ARG A 247 4.30 -5.71 -14.68
CA ARG A 247 5.09 -6.79 -14.10
C ARG A 247 4.19 -8.00 -13.82
N PHE A 248 4.77 -9.06 -13.27
CA PHE A 248 4.09 -10.33 -13.11
C PHE A 248 4.08 -10.74 -11.64
N ALA A 249 3.30 -11.78 -11.34
CA ALA A 249 3.25 -12.40 -10.02
C ALA A 249 3.15 -13.90 -10.19
N VAL A 250 3.64 -14.62 -9.18
CA VAL A 250 3.77 -16.07 -9.25
C VAL A 250 2.91 -16.71 -8.17
N GLU A 251 2.05 -17.64 -8.59
CA GLU A 251 1.21 -18.42 -7.70
C GLU A 251 1.79 -19.83 -7.57
N VAL A 252 1.60 -20.43 -6.39
CA VAL A 252 2.01 -21.80 -6.12
C VAL A 252 0.78 -22.52 -5.55
N LYS A 253 0.12 -23.33 -6.38
CA LYS A 253 -1.16 -23.92 -6.02
C LYS A 253 -1.06 -24.74 -4.74
N GLY A 254 -2.08 -24.61 -3.89
CA GLY A 254 -2.09 -25.24 -2.59
C GLY A 254 -1.33 -24.51 -1.51
N ARG A 255 -0.55 -23.49 -1.88
CA ARG A 255 0.22 -22.70 -0.93
C ARG A 255 0.02 -21.22 -1.25
N ILE A 256 0.53 -20.37 -0.37
CA ILE A 256 0.47 -18.92 -0.54
C ILE A 256 1.90 -18.44 -0.76
N HIS A 257 2.19 -18.02 -1.99
CA HIS A 257 3.45 -17.35 -2.26
C HIS A 257 3.37 -15.93 -1.75
N PHE A 258 4.21 -15.60 -0.77
CA PHE A 258 4.23 -14.29 -0.14
C PHE A 258 5.50 -13.57 -0.58
N ASP A 259 5.39 -12.78 -1.64
CA ASP A 259 6.48 -11.89 -2.04
C ASP A 259 6.43 -10.66 -1.15
N LEU A 260 7.44 -10.49 -0.31
CA LEU A 260 7.47 -9.35 0.61
C LEU A 260 7.63 -8.02 -0.11
N TYR A 261 8.19 -8.03 -1.32
CA TYR A 261 8.53 -6.76 -1.97
C TYR A 261 7.33 -5.84 -2.15
N PRO A 262 6.19 -6.26 -2.71
CA PRO A 262 5.04 -5.35 -2.76
C PRO A 262 4.53 -4.94 -1.39
N VAL A 263 4.64 -5.83 -0.40
CA VAL A 263 4.13 -5.53 0.93
C VAL A 263 4.97 -4.46 1.61
N ILE A 264 6.30 -4.54 1.46
CA ILE A 264 7.19 -3.62 2.16
C ILE A 264 6.99 -2.19 1.65
N ARG A 265 7.16 -1.99 0.34
CA ARG A 265 7.05 -0.65 -0.24
C ARG A 265 5.71 0.01 0.10
N ARG A 266 4.62 -0.76 0.00
CA ARG A 266 3.30 -0.22 0.29
C ARG A 266 3.12 0.11 1.77
N THR A 267 3.94 -0.47 2.64
CA THR A 267 3.80 -0.29 4.09
C THR A 267 4.82 0.69 4.66
N ILE A 268 6.10 0.55 4.31
CA ILE A 268 7.16 1.38 4.87
C ILE A 268 7.59 2.41 3.84
N ASN A 269 8.00 3.58 4.32
CA ASN A 269 8.53 4.65 3.48
C ASN A 269 10.05 4.69 3.67
N LEU A 270 10.78 4.12 2.71
CA LEU A 270 12.24 4.11 2.71
C LEU A 270 12.79 4.72 1.43
N PRO A 271 13.95 5.39 1.52
CA PRO A 271 14.58 5.90 0.29
C PRO A 271 15.00 4.79 -0.67
N THR A 272 15.42 3.64 -0.14
CA THR A 272 15.75 2.48 -0.95
C THR A 272 15.10 1.24 -0.35
N TYR A 273 14.71 0.32 -1.21
CA TYR A 273 14.02 -0.90 -0.80
C TYR A 273 14.82 -2.14 -1.14
N THR A 274 16.13 -2.09 -0.91
CA THR A 274 16.95 -3.28 -0.98
C THR A 274 16.71 -4.16 0.24
N LEU A 275 17.08 -5.43 0.12
CA LEU A 275 16.93 -6.36 1.24
C LEU A 275 17.72 -5.87 2.46
N GLU A 276 18.96 -5.45 2.23
CA GLU A 276 19.80 -4.96 3.32
C GLU A 276 19.21 -3.69 3.94
N ALA A 277 18.64 -2.82 3.12
CA ALA A 277 18.04 -1.60 3.65
C ALA A 277 16.73 -1.90 4.38
N VAL A 278 15.89 -2.76 3.81
CA VAL A 278 14.62 -3.10 4.45
C VAL A 278 14.87 -3.84 5.75
N TYR A 279 15.80 -4.78 5.77
CA TYR A 279 16.11 -5.52 6.98
C TYR A 279 16.56 -4.58 8.09
N GLU A 280 17.56 -3.74 7.81
CA GLU A 280 18.11 -2.86 8.82
C GLU A 280 17.10 -1.83 9.30
N ALA A 281 16.16 -1.44 8.44
CA ALA A 281 15.16 -0.45 8.82
C ALA A 281 14.03 -1.04 9.66
N VAL A 282 13.89 -2.36 9.69
CA VAL A 282 12.79 -3.00 10.43
C VAL A 282 13.34 -3.58 11.72
N PHE A 283 14.59 -4.05 11.70
CA PHE A 283 15.16 -4.76 12.84
C PHE A 283 16.35 -4.05 13.47
N GLY A 284 16.79 -2.92 12.92
CA GLY A 284 17.91 -2.15 13.44
C GLY A 284 19.30 -2.66 13.12
N GLN A 285 19.46 -3.97 13.03
CA GLN A 285 20.77 -4.52 12.76
C GLN A 285 21.06 -4.51 11.26
N PRO A 286 22.27 -4.13 10.86
CA PRO A 286 22.58 -4.03 9.42
C PRO A 286 22.82 -5.40 8.80
N LYS A 287 22.98 -5.39 7.48
CA LYS A 287 23.11 -6.61 6.71
C LYS A 287 24.07 -6.38 5.55
N GLU A 288 25.04 -7.29 5.40
CA GLU A 288 26.06 -7.13 4.38
C GLU A 288 25.50 -7.42 2.99
N LYS A 289 26.02 -6.70 2.00
CA LYS A 289 25.63 -6.86 0.61
C LYS A 289 26.84 -7.29 -0.20
N VAL A 290 26.77 -8.48 -0.79
CA VAL A 290 27.74 -8.94 -1.77
C VAL A 290 27.14 -8.73 -3.15
N TYR A 291 27.89 -8.12 -4.05
CA TYR A 291 27.33 -7.68 -5.32
C TYR A 291 27.55 -8.74 -6.41
N ALA A 292 26.87 -8.53 -7.54
CA ALA A 292 26.92 -9.49 -8.63
C ALA A 292 28.29 -9.52 -9.30
N GLU A 293 29.05 -8.43 -9.22
CA GLU A 293 30.41 -8.46 -9.74
C GLU A 293 31.30 -9.36 -8.90
N GLU A 294 31.04 -9.44 -7.60
CA GLU A 294 31.87 -10.26 -6.72
C GLU A 294 31.54 -11.74 -6.86
N ILE A 295 30.25 -12.08 -6.92
CA ILE A 295 29.89 -13.49 -6.86
C ILE A 295 30.19 -14.18 -8.20
N THR A 296 30.31 -13.42 -9.28
CA THR A 296 30.69 -13.98 -10.56
C THR A 296 32.18 -14.26 -10.61
N THR A 297 32.99 -13.29 -10.16
CA THR A 297 34.43 -13.51 -10.08
C THR A 297 34.76 -14.59 -9.06
N ALA A 298 34.11 -14.56 -7.90
CA ALA A 298 34.35 -15.58 -6.88
C ALA A 298 34.03 -16.97 -7.39
N TRP A 299 33.11 -17.09 -8.34
CA TRP A 299 32.76 -18.40 -8.90
C TRP A 299 33.79 -18.85 -9.91
N GLU A 300 34.03 -18.04 -10.94
CA GLU A 300 34.94 -18.43 -12.02
C GLU A 300 36.37 -18.62 -11.55
N THR A 301 36.75 -18.00 -10.44
CA THR A 301 38.06 -18.19 -9.84
C THR A 301 38.06 -19.16 -8.67
N GLY A 302 36.88 -19.47 -8.13
CA GLY A 302 36.79 -20.31 -6.94
C GLY A 302 37.27 -19.68 -5.66
N GLU A 303 37.73 -18.44 -5.71
CA GLU A 303 38.31 -17.78 -4.55
C GLU A 303 37.24 -17.06 -3.73
N ASN A 304 37.34 -17.21 -2.41
CA ASN A 304 36.44 -16.55 -1.47
C ASN A 304 34.98 -16.86 -1.78
N LEU A 305 34.70 -18.14 -2.06
CA LEU A 305 33.33 -18.58 -2.29
C LEU A 305 32.55 -18.71 -1.00
N GLU A 306 33.25 -18.83 0.14
CA GLU A 306 32.57 -18.89 1.43
C GLU A 306 31.87 -17.57 1.76
N ARG A 307 32.41 -16.45 1.27
CA ARG A 307 31.75 -15.17 1.46
C ARG A 307 30.40 -15.12 0.76
N VAL A 308 30.31 -15.73 -0.43
CA VAL A 308 29.03 -15.83 -1.12
C VAL A 308 28.05 -16.68 -0.33
N ALA A 309 28.54 -17.73 0.34
CA ALA A 309 27.66 -18.61 1.08
C ALA A 309 27.03 -17.90 2.27
N ARG A 310 27.80 -17.06 2.96
CA ARG A 310 27.24 -16.29 4.07
C ARG A 310 26.12 -15.38 3.57
N TYR A 311 26.38 -14.61 2.52
CA TYR A 311 25.37 -13.74 1.94
C TYR A 311 24.13 -14.54 1.51
N SER A 312 24.35 -15.68 0.85
CA SER A 312 23.24 -16.52 0.42
C SER A 312 22.39 -16.96 1.62
N MET A 313 23.03 -17.46 2.67
CA MET A 313 22.29 -17.86 3.86
C MET A 313 21.62 -16.65 4.52
N GLU A 314 22.32 -15.51 4.55
CA GLU A 314 21.75 -14.32 5.16
C GLU A 314 20.48 -13.88 4.44
N ASP A 315 20.50 -13.91 3.10
CA ASP A 315 19.31 -13.55 2.33
C ASP A 315 18.10 -14.38 2.75
N ALA A 316 18.25 -15.70 2.78
CA ALA A 316 17.14 -16.56 3.18
C ALA A 316 16.74 -16.31 4.63
N LYS A 317 17.72 -16.16 5.52
CA LYS A 317 17.42 -15.97 6.94
C LYS A 317 16.63 -14.69 7.17
N VAL A 318 16.99 -13.60 6.48
CA VAL A 318 16.36 -12.31 6.77
C VAL A 318 14.96 -12.24 6.16
N THR A 319 14.77 -12.81 4.97
CA THR A 319 13.44 -12.78 4.36
C THR A 319 12.45 -13.59 5.17
N TYR A 320 12.90 -14.72 5.75
CA TYR A 320 12.04 -15.46 6.66
C TYR A 320 11.71 -14.62 7.89
N GLU A 321 12.74 -14.05 8.52
CA GLU A 321 12.52 -13.19 9.69
C GLU A 321 11.58 -12.04 9.34
N LEU A 322 11.69 -11.51 8.12
CA LEU A 322 10.79 -10.44 7.69
C LEU A 322 9.39 -10.99 7.40
N GLY A 323 9.32 -12.20 6.85
CA GLY A 323 8.02 -12.77 6.52
C GLY A 323 7.18 -13.03 7.76
N LYS A 324 7.80 -13.54 8.83
CA LYS A 324 7.09 -13.74 10.08
C LYS A 324 6.52 -12.43 10.62
N GLU A 325 7.14 -11.31 10.24
CA GLU A 325 6.70 -10.00 10.73
C GLU A 325 5.49 -9.49 9.96
N PHE A 326 5.60 -9.42 8.64
CA PHE A 326 4.60 -8.74 7.82
C PHE A 326 3.44 -9.64 7.40
N LEU A 327 3.55 -10.96 7.58
CA LEU A 327 2.44 -11.83 7.17
C LEU A 327 1.22 -11.70 8.08
N PRO A 328 1.34 -11.73 9.41
CA PRO A 328 0.12 -11.69 10.24
C PRO A 328 -0.74 -10.47 10.01
N MET A 329 -0.14 -9.32 9.68
CA MET A 329 -0.96 -8.16 9.31
C MET A 329 -1.65 -8.39 7.98
N GLU A 330 -0.94 -8.95 6.99
CA GLU A 330 -1.54 -9.26 5.70
C GLU A 330 -2.68 -10.25 5.83
N ALA A 331 -2.66 -11.09 6.87
CA ALA A 331 -3.77 -12.01 7.10
C ALA A 331 -5.01 -11.27 7.55
N GLN A 332 -4.85 -10.25 8.39
CA GLN A 332 -6.00 -9.46 8.84
C GLN A 332 -6.64 -8.72 7.66
N LEU A 333 -5.82 -8.20 6.76
CA LEU A 333 -6.35 -7.57 5.55
C LEU A 333 -7.16 -8.58 4.74
N SER A 334 -6.72 -9.85 4.72
N SER A 334 -6.72 -9.84 4.71
CA SER A 334 -7.44 -10.87 3.99
CA SER A 334 -7.45 -10.87 3.98
C SER A 334 -8.83 -11.10 4.59
C SER A 334 -8.82 -11.11 4.59
N ARG A 335 -8.90 -11.21 5.91
CA ARG A 335 -10.20 -11.39 6.56
C ARG A 335 -11.08 -10.17 6.38
N LEU A 336 -10.50 -8.97 6.45
CA LEU A 336 -11.28 -7.75 6.31
C LEU A 336 -11.86 -7.61 4.91
N ILE A 337 -11.04 -7.89 3.89
CA ILE A 337 -11.49 -7.74 2.51
C ILE A 337 -12.24 -8.96 1.99
N GLY A 338 -11.99 -10.13 2.56
CA GLY A 338 -12.65 -11.34 2.10
C GLY A 338 -12.07 -11.92 0.83
N GLN A 339 -10.76 -11.81 0.65
CA GLN A 339 -10.08 -12.38 -0.50
C GLN A 339 -8.78 -13.02 -0.02
N SER A 340 -8.19 -13.84 -0.88
CA SER A 340 -7.01 -14.59 -0.51
C SER A 340 -5.85 -13.67 -0.14
N LEU A 341 -5.02 -14.12 0.78
CA LEU A 341 -3.80 -13.38 1.13
C LEU A 341 -2.96 -13.12 -0.10
N TRP A 342 -2.85 -14.11 -0.98
CA TRP A 342 -2.11 -13.92 -2.23
C TRP A 342 -2.63 -12.73 -3.01
N ASP A 343 -3.95 -12.53 -3.01
CA ASP A 343 -4.53 -11.44 -3.79
C ASP A 343 -4.42 -10.10 -3.07
N VAL A 344 -4.81 -10.05 -1.79
CA VAL A 344 -4.81 -8.77 -1.08
C VAL A 344 -3.40 -8.25 -0.83
N SER A 345 -2.38 -9.12 -0.89
CA SER A 345 -1.02 -8.68 -0.61
C SER A 345 -0.43 -7.89 -1.77
N ARG A 346 -0.98 -8.02 -2.97
CA ARG A 346 -0.50 -7.29 -4.13
C ARG A 346 -1.54 -6.34 -4.72
N SER A 347 -2.70 -6.21 -4.09
CA SER A 347 -3.78 -5.41 -4.63
C SER A 347 -3.60 -3.94 -4.27
N SER A 348 -3.95 -3.07 -5.21
CA SER A 348 -3.99 -1.65 -4.93
C SER A 348 -5.14 -1.33 -3.98
N THR A 349 -5.03 -0.16 -3.33
CA THR A 349 -6.06 0.25 -2.38
C THR A 349 -7.44 0.31 -3.04
N GLY A 350 -7.49 0.81 -4.28
CA GLY A 350 -8.76 0.87 -4.98
C GLY A 350 -9.39 -0.51 -5.16
N ASN A 351 -8.59 -1.47 -5.63
CA ASN A 351 -9.11 -2.81 -5.87
C ASN A 351 -9.51 -3.50 -4.57
N LEU A 352 -8.81 -3.22 -3.47
CA LEU A 352 -9.18 -3.79 -2.19
C LEU A 352 -10.55 -3.27 -1.74
N VAL A 353 -10.85 -2.01 -2.05
CA VAL A 353 -12.13 -1.43 -1.65
C VAL A 353 -13.26 -2.02 -2.47
N GLU A 354 -13.06 -2.11 -3.79
CA GLU A 354 -14.08 -2.69 -4.66
C GLU A 354 -14.47 -4.09 -4.21
N TRP A 355 -13.49 -4.91 -3.85
CA TRP A 355 -13.79 -6.25 -3.37
C TRP A 355 -14.57 -6.20 -2.06
N PHE A 356 -14.18 -5.31 -1.15
CA PHE A 356 -14.93 -5.12 0.08
C PHE A 356 -16.36 -4.68 -0.21
N LEU A 357 -16.52 -3.74 -1.16
CA LEU A 357 -17.85 -3.25 -1.51
C LEU A 357 -18.67 -4.33 -2.19
N LEU A 358 -18.05 -5.11 -3.08
CA LEU A 358 -18.77 -6.17 -3.79
C LEU A 358 -19.31 -7.22 -2.82
N ARG A 359 -18.52 -7.58 -1.81
CA ARG A 359 -19.02 -8.51 -0.80
C ARG A 359 -20.14 -7.89 0.00
N LYS A 360 -19.94 -6.65 0.47
CA LYS A 360 -21.02 -5.93 1.15
C LYS A 360 -22.25 -5.83 0.26
N ALA A 361 -22.05 -5.54 -1.03
CA ALA A 361 -23.17 -5.43 -1.95
C ALA A 361 -23.92 -6.76 -2.07
N TYR A 362 -23.20 -7.87 -2.05
CA TYR A 362 -23.86 -9.17 -2.14
C TYR A 362 -24.65 -9.47 -0.88
N GLU A 363 -24.14 -9.07 0.29
CA GLU A 363 -24.82 -9.35 1.54
C GLU A 363 -26.16 -8.61 1.62
N ARG A 364 -26.21 -7.38 1.12
CA ARG A 364 -27.42 -6.57 1.17
C ARG A 364 -28.27 -6.67 -0.09
N ASN A 365 -27.97 -7.63 -0.98
CA ASN A 365 -28.70 -7.81 -2.24
C ASN A 365 -28.70 -6.52 -3.06
N GLU A 366 -27.56 -5.81 -3.05
CA GLU A 366 -27.39 -4.60 -3.83
C GLU A 366 -26.75 -4.96 -5.16
N LEU A 367 -27.49 -4.76 -6.25
CA LEU A 367 -26.92 -4.98 -7.57
C LEU A 367 -25.77 -4.01 -7.81
N ALA A 368 -24.59 -4.55 -8.09
CA ALA A 368 -23.41 -3.72 -8.22
C ALA A 368 -23.46 -2.92 -9.52
N PRO A 369 -23.13 -1.63 -9.48
CA PRO A 369 -23.04 -0.85 -10.72
C PRO A 369 -21.74 -1.15 -11.46
N ASN A 370 -21.81 -1.04 -12.79
CA ASN A 370 -20.65 -1.31 -13.61
C ASN A 370 -19.58 -0.25 -13.40
N LYS A 371 -18.39 -0.53 -13.90
CA LYS A 371 -17.36 0.48 -14.00
C LYS A 371 -17.68 1.41 -15.18
N PRO A 372 -17.19 2.64 -15.15
CA PRO A 372 -17.51 3.57 -16.24
C PRO A 372 -16.79 3.20 -17.53
N ASP A 373 -17.39 3.54 -18.66
CA ASP A 373 -16.70 3.35 -19.93
C ASP A 373 -16.01 4.66 -20.29
N GLU A 374 -15.71 4.89 -21.58
CA GLU A 374 -14.82 5.99 -21.95
C GLU A 374 -15.45 7.35 -21.68
N LYS A 375 -16.67 7.55 -22.18
CA LYS A 375 -17.34 8.84 -22.01
C LYS A 375 -17.53 9.19 -20.53
N GLU A 376 -17.89 8.21 -19.70
CA GLU A 376 -18.12 8.49 -18.29
C GLU A 376 -16.80 8.77 -17.58
N LEU A 377 -15.76 7.97 -17.87
CA LEU A 377 -14.43 8.27 -17.33
C LEU A 377 -13.96 9.66 -17.74
N ALA A 378 -14.39 10.13 -18.93
CA ALA A 378 -14.05 11.47 -19.36
C ALA A 378 -14.75 12.51 -18.51
N ARG A 379 -16.05 12.33 -18.27
CA ARG A 379 -16.79 13.21 -17.37
C ARG A 379 -16.07 13.24 -16.03
N ARG A 380 -16.13 12.12 -15.29
CA ARG A 380 -15.62 12.00 -13.93
C ARG A 380 -14.21 12.54 -13.69
N ARG A 381 -13.63 13.20 -14.69
CA ARG A 381 -12.32 13.82 -14.54
C ARG A 381 -12.36 15.16 -13.84
N GLN A 382 -13.52 15.60 -13.33
CA GLN A 382 -13.58 16.89 -12.66
C GLN A 382 -12.80 16.85 -11.36
N LYS A 383 -12.85 17.97 -10.63
CA LYS A 383 -12.28 18.04 -9.30
C LYS A 383 -13.24 18.79 -8.40
N TYR A 384 -13.10 18.59 -7.10
CA TYR A 384 -13.95 19.23 -6.12
C TYR A 384 -13.10 19.69 -4.95
N GLU A 385 -13.65 20.61 -4.16
CA GLU A 385 -12.92 21.16 -3.04
C GLU A 385 -12.79 20.13 -1.92
N GLY A 386 -11.65 20.14 -1.25
CA GLY A 386 -11.38 19.19 -0.19
C GLY A 386 -11.24 19.84 1.18
N GLY A 387 -10.29 19.33 1.96
CA GLY A 387 -10.10 19.85 3.31
C GLY A 387 -9.53 21.25 3.31
N TYR A 388 -9.76 21.94 4.43
CA TYR A 388 -9.28 23.31 4.62
C TYR A 388 -7.95 23.28 5.34
N VAL A 389 -6.99 24.05 4.86
CA VAL A 389 -5.68 24.19 5.49
C VAL A 389 -5.43 25.67 5.73
N LYS A 390 -5.18 26.04 6.98
CA LYS A 390 -4.88 27.41 7.32
C LYS A 390 -3.39 27.67 7.21
N GLU A 391 -3.04 28.93 6.96
CA GLU A 391 -1.63 29.31 6.94
C GLU A 391 -1.10 29.30 8.37
N PRO A 392 -0.04 28.55 8.66
CA PRO A 392 0.46 28.49 10.03
C PRO A 392 0.93 29.85 10.50
N GLU A 393 0.64 30.16 11.76
CA GLU A 393 1.25 31.31 12.41
C GLU A 393 2.73 30.99 12.57
N ARG A 394 3.48 31.27 11.50
CA ARG A 394 4.84 30.76 11.34
C ARG A 394 5.75 31.21 12.48
N GLY A 395 6.51 30.26 13.04
CA GLY A 395 7.40 30.58 14.14
C GLY A 395 7.43 29.51 15.21
N LEU A 396 7.84 29.90 16.42
CA LEU A 396 7.92 28.99 17.55
C LEU A 396 6.78 29.27 18.52
N TRP A 397 6.11 28.21 18.95
CA TRP A 397 4.99 28.32 19.88
C TRP A 397 5.23 27.40 21.07
N GLU A 398 4.63 27.77 22.21
CA GLU A 398 4.84 27.05 23.46
C GLU A 398 3.50 26.70 24.08
N ASN A 399 3.47 25.54 24.76
CA ASN A 399 2.28 25.02 25.40
C ASN A 399 1.13 24.89 24.40
N ILE A 400 1.20 23.89 23.54
CA ILE A 400 0.24 23.69 22.46
C ILE A 400 -0.55 22.41 22.71
N VAL A 401 -1.82 22.42 22.33
CA VAL A 401 -2.64 21.22 22.31
C VAL A 401 -3.06 20.96 20.87
N TYR A 402 -3.18 19.68 20.52
CA TYR A 402 -3.70 19.27 19.22
C TYR A 402 -5.04 18.60 19.46
N LEU A 403 -6.12 19.24 19.01
CA LEU A 403 -7.45 18.68 19.06
C LEU A 403 -7.81 18.17 17.67
N ASP A 404 -8.38 16.97 17.61
CA ASP A 404 -8.66 16.33 16.34
C ASP A 404 -9.98 15.58 16.40
N PHE A 405 -10.63 15.48 15.24
CA PHE A 405 -11.89 14.78 15.11
C PHE A 405 -11.66 13.28 14.98
N ARG A 406 -12.61 12.49 15.47
CA ARG A 406 -12.58 11.05 15.34
C ARG A 406 -13.15 10.67 13.98
N SER A 407 -12.29 10.12 13.10
CA SER A 407 -12.69 9.68 11.77
C SER A 407 -13.64 10.67 11.11
N LEU A 408 -13.13 11.86 10.82
CA LEU A 408 -13.99 12.99 10.47
C LEU A 408 -14.84 12.68 9.25
N TYR A 409 -14.22 12.17 8.17
CA TYR A 409 -14.99 11.92 6.96
C TYR A 409 -15.95 10.75 7.09
N PRO A 410 -15.55 9.57 7.58
CA PRO A 410 -16.55 8.50 7.75
C PRO A 410 -17.64 8.85 8.74
N SER A 411 -17.34 9.65 9.76
CA SER A 411 -18.39 10.09 10.68
C SER A 411 -19.39 11.01 10.00
N ILE A 412 -18.94 11.80 9.03
CA ILE A 412 -19.85 12.67 8.30
C ILE A 412 -20.78 11.84 7.43
N ILE A 413 -20.23 10.86 6.71
CA ILE A 413 -21.05 9.98 5.88
C ILE A 413 -22.09 9.27 6.73
N ILE A 414 -21.71 8.85 7.94
CA ILE A 414 -22.64 8.15 8.82
C ILE A 414 -23.70 9.11 9.35
N THR A 415 -23.25 10.25 9.88
CA THR A 415 -24.18 11.18 10.53
C THR A 415 -25.23 11.70 9.56
N HIS A 416 -24.82 12.01 8.33
CA HIS A 416 -25.70 12.63 7.35
C HIS A 416 -26.20 11.66 6.29
N ASN A 417 -25.94 10.36 6.47
CA ASN A 417 -26.41 9.32 5.55
C ASN A 417 -26.03 9.64 4.11
N VAL A 418 -24.76 9.97 3.91
CA VAL A 418 -24.25 10.32 2.59
C VAL A 418 -23.97 9.04 1.81
N SER A 419 -24.66 8.87 0.69
CA SER A 419 -24.52 7.68 -0.14
C SER A 419 -25.13 7.97 -1.50
N PRO A 420 -24.60 7.37 -2.56
CA PRO A 420 -25.22 7.58 -3.89
C PRO A 420 -26.69 7.21 -3.92
N ASP A 421 -27.11 6.26 -3.08
CA ASP A 421 -28.49 5.79 -3.03
C ASP A 421 -29.39 6.65 -2.17
N THR A 422 -28.85 7.69 -1.51
CA THR A 422 -29.66 8.60 -0.71
C THR A 422 -29.64 10.02 -1.24
N LEU A 423 -28.96 10.27 -2.36
CA LEU A 423 -28.80 11.62 -2.89
C LEU A 423 -30.06 12.03 -3.65
N ASN A 424 -30.67 13.14 -3.23
CA ASN A 424 -31.77 13.78 -3.96
C ASN A 424 -32.93 12.81 -4.20
N ARG A 425 -33.26 12.01 -3.19
CA ARG A 425 -34.35 11.06 -3.31
C ARG A 425 -35.70 11.77 -3.24
N GLU A 426 -36.58 11.43 -4.17
CA GLU A 426 -37.92 12.02 -4.18
C GLU A 426 -38.76 11.44 -3.05
N GLY A 427 -39.73 12.23 -2.59
CA GLY A 427 -40.60 11.80 -1.52
C GLY A 427 -39.92 11.62 -0.19
N CYS A 428 -38.81 12.31 0.04
N CYS A 428 -38.82 12.34 0.03
CA CYS A 428 -38.09 12.17 1.29
CA CYS A 428 -38.10 12.24 1.29
C CYS A 428 -38.81 12.92 2.41
C CYS A 428 -38.86 12.93 2.41
N GLY A 429 -38.79 12.33 3.61
CA GLY A 429 -39.44 12.91 4.76
C GLY A 429 -38.47 13.67 5.65
N GLU A 430 -37.25 13.16 5.76
CA GLU A 430 -36.20 13.81 6.54
C GLU A 430 -34.92 13.79 5.71
N TYR A 431 -34.45 14.96 5.31
CA TYR A 431 -33.21 15.06 4.55
C TYR A 431 -32.26 16.04 5.23
N ASP A 432 -30.98 15.89 4.91
CA ASP A 432 -29.92 16.78 5.36
C ASP A 432 -29.30 17.46 4.15
N VAL A 433 -29.07 18.77 4.25
CA VAL A 433 -28.57 19.56 3.14
C VAL A 433 -27.09 19.86 3.37
N ALA A 434 -26.27 19.61 2.34
CA ALA A 434 -24.83 19.82 2.44
C ALA A 434 -24.51 21.31 2.35
N PRO A 435 -23.57 21.79 3.17
CA PRO A 435 -23.15 23.20 3.05
C PRO A 435 -22.46 23.46 1.72
N GLN A 436 -22.59 24.70 1.26
CA GLN A 436 -21.99 25.18 0.01
C GLN A 436 -22.55 24.47 -1.22
N VAL A 437 -22.53 23.14 -1.23
CA VAL A 437 -22.92 22.40 -2.45
C VAL A 437 -24.40 22.04 -2.47
N GLY A 438 -25.12 22.23 -1.36
CA GLY A 438 -26.57 22.10 -1.36
C GLY A 438 -27.15 20.75 -1.69
N HIS A 439 -26.34 19.69 -1.68
CA HIS A 439 -26.86 18.36 -1.97
C HIS A 439 -27.70 17.85 -0.81
N ARG A 440 -28.86 17.29 -1.12
CA ARG A 440 -29.79 16.78 -0.12
C ARG A 440 -29.66 15.27 -0.02
N PHE A 441 -29.60 14.76 1.21
CA PHE A 441 -29.43 13.34 1.44
C PHE A 441 -30.56 12.81 2.32
N CYS A 442 -31.33 11.87 1.78
CA CYS A 442 -32.47 11.32 2.48
C CYS A 442 -32.04 10.52 3.71
N LYS A 443 -32.71 10.75 4.83
CA LYS A 443 -32.45 10.00 6.06
C LYS A 443 -33.59 9.04 6.40
N ASP A 444 -34.52 8.81 5.47
CA ASP A 444 -35.61 7.88 5.75
C ASP A 444 -35.10 6.45 5.90
N LEU A 445 -34.21 6.03 5.00
CA LEU A 445 -33.62 4.71 5.06
C LEU A 445 -32.10 4.82 5.13
N PRO A 446 -31.44 3.93 5.87
CA PRO A 446 -29.97 3.98 5.94
C PRO A 446 -29.36 3.69 4.58
N GLY A 447 -28.37 4.50 4.22
CA GLY A 447 -27.71 4.33 2.94
C GLY A 447 -26.82 3.10 2.93
N PHE A 448 -26.46 2.69 1.70
CA PHE A 448 -25.54 1.57 1.54
C PHE A 448 -24.20 1.88 2.18
N ILE A 449 -23.54 2.96 1.72
CA ILE A 449 -22.23 3.31 2.26
C ILE A 449 -22.27 3.61 3.76
N PRO A 450 -23.21 4.40 4.29
CA PRO A 450 -23.21 4.64 5.74
C PRO A 450 -23.37 3.37 6.55
N SER A 451 -24.15 2.39 6.07
CA SER A 451 -24.35 1.17 6.84
C SER A 451 -23.07 0.35 6.97
N LEU A 452 -22.22 0.35 5.93
CA LEU A 452 -20.95 -0.36 6.02
C LEU A 452 -19.99 0.37 6.94
N LEU A 453 -19.81 1.67 6.73
CA LEU A 453 -18.88 2.45 7.54
C LEU A 453 -19.27 2.41 9.00
N GLY A 454 -20.57 2.42 9.30
CA GLY A 454 -21.02 2.30 10.68
C GLY A 454 -20.58 1.00 11.30
N ASP A 455 -20.73 -0.11 10.58
CA ASP A 455 -20.30 -1.40 11.09
C ASP A 455 -18.78 -1.44 11.24
N LEU A 456 -18.05 -0.80 10.34
CA LEU A 456 -16.59 -0.80 10.41
C LEU A 456 -16.10 -0.01 11.61
N LEU A 457 -16.53 1.25 11.73
CA LEU A 457 -16.09 2.07 12.86
C LEU A 457 -16.58 1.52 14.19
N GLU A 458 -17.75 0.87 14.20
CA GLU A 458 -18.19 0.18 15.42
C GLU A 458 -17.24 -0.97 15.75
N GLU A 459 -16.82 -1.74 14.75
CA GLU A 459 -15.86 -2.80 14.98
C GLU A 459 -14.48 -2.26 15.32
N ARG A 460 -14.11 -1.12 14.74
CA ARG A 460 -12.83 -0.50 15.09
C ARG A 460 -12.80 -0.16 16.58
N GLN A 461 -13.83 0.55 17.06
CA GLN A 461 -13.86 0.96 18.45
C GLN A 461 -14.02 -0.24 19.39
N LYS A 462 -14.62 -1.33 18.91
CA LYS A 462 -14.63 -2.57 19.68
C LYS A 462 -13.22 -3.12 19.86
N ILE A 463 -12.37 -2.98 18.84
CA ILE A 463 -11.03 -3.52 18.88
C ILE A 463 -10.12 -2.67 19.76
N LYS A 464 -10.20 -1.35 19.63
CA LYS A 464 -9.42 -0.45 20.49
C LYS A 464 -9.72 -0.66 21.96
N LYS A 465 -10.82 -1.34 22.30
CA LYS A 465 -11.18 -1.64 23.68
C LYS A 465 -10.72 -3.02 24.12
N LYS A 466 -11.19 -4.09 23.43
CA LYS A 466 -10.86 -5.44 23.87
C LYS A 466 -9.35 -5.66 23.92
N MET A 467 -8.61 -4.93 23.10
CA MET A 467 -7.15 -4.88 23.15
C MET A 467 -6.65 -4.71 24.57
N LYS A 468 -7.31 -3.86 25.35
CA LYS A 468 -6.83 -3.57 26.70
C LYS A 468 -7.00 -4.77 27.62
N ALA A 469 -8.05 -5.57 27.40
CA ALA A 469 -8.24 -6.77 28.22
C ALA A 469 -7.19 -7.83 27.89
N THR A 470 -6.90 -8.02 26.59
CA THR A 470 -5.95 -9.04 26.17
C THR A 470 -4.56 -8.74 26.71
N ILE A 471 -3.80 -9.81 26.97
CA ILE A 471 -2.48 -9.72 27.58
C ILE A 471 -1.39 -10.20 26.61
N ASP A 472 -1.63 -11.32 25.94
CA ASP A 472 -0.67 -11.86 24.98
C ASP A 472 -0.26 -10.76 23.99
N PRO A 473 1.02 -10.40 23.93
CA PRO A 473 1.43 -9.30 23.03
C PRO A 473 1.03 -9.52 21.59
N ILE A 474 0.95 -10.78 21.13
CA ILE A 474 0.60 -11.04 19.74
C ILE A 474 -0.83 -10.59 19.46
N GLU A 475 -1.77 -10.98 20.34
CA GLU A 475 -3.17 -10.61 20.13
C GLU A 475 -3.34 -9.09 20.16
N ARG A 476 -2.60 -8.41 21.04
CA ARG A 476 -2.55 -6.95 21.02
C ARG A 476 -2.16 -6.44 19.64
N LYS A 477 -1.05 -6.94 19.11
CA LYS A 477 -0.62 -6.51 17.78
C LYS A 477 -1.63 -6.91 16.72
N LEU A 478 -2.02 -8.20 16.69
CA LEU A 478 -2.99 -8.67 15.69
C LEU A 478 -4.26 -7.83 15.71
N LEU A 479 -4.82 -7.58 16.90
CA LEU A 479 -6.02 -6.77 17.01
C LEU A 479 -5.76 -5.33 16.60
N ASP A 480 -4.64 -4.76 17.06
CA ASP A 480 -4.29 -3.39 16.68
C ASP A 480 -4.20 -3.24 15.17
N TYR A 481 -3.75 -4.28 14.46
CA TYR A 481 -3.68 -4.22 13.00
C TYR A 481 -5.06 -3.97 12.40
N ARG A 482 -6.05 -4.75 12.82
CA ARG A 482 -7.40 -4.56 12.32
C ARG A 482 -7.91 -3.16 12.60
N GLN A 483 -7.52 -2.58 13.75
CA GLN A 483 -7.96 -1.24 14.10
C GLN A 483 -7.49 -0.20 13.09
N ARG A 484 -6.18 -0.16 12.83
CA ARG A 484 -5.66 0.79 11.85
C ARG A 484 -6.17 0.47 10.45
N LEU A 485 -6.29 -0.81 10.10
CA LEU A 485 -6.74 -1.21 8.77
C LEU A 485 -8.15 -0.70 8.50
N ILE A 486 -9.08 -0.90 9.44
CA ILE A 486 -10.46 -0.43 9.27
C ILE A 486 -10.48 1.04 8.92
N LYS A 487 -9.56 1.81 9.48
CA LYS A 487 -9.50 3.24 9.21
C LYS A 487 -9.06 3.53 7.78
N ILE A 488 -7.94 2.92 7.36
CA ILE A 488 -7.49 3.09 5.99
C ILE A 488 -8.58 2.65 5.01
N LEU A 489 -9.24 1.53 5.32
CA LEU A 489 -10.33 1.06 4.48
C LEU A 489 -11.47 2.07 4.44
N ALA A 490 -11.86 2.58 5.61
CA ALA A 490 -12.97 3.53 5.68
C ALA A 490 -12.68 4.78 4.86
N ASN A 491 -11.52 5.40 5.09
CA ASN A 491 -11.14 6.57 4.31
C ASN A 491 -11.07 6.27 2.82
N SER A 492 -10.65 5.06 2.46
CA SER A 492 -10.61 4.68 1.05
C SER A 492 -12.01 4.47 0.49
N VAL A 493 -12.98 4.14 1.34
CA VAL A 493 -14.37 4.08 0.89
C VAL A 493 -14.87 5.49 0.55
N TYR A 494 -14.48 6.49 1.34
CA TYR A 494 -14.75 7.86 0.94
C TYR A 494 -14.06 8.19 -0.39
N GLY A 495 -12.77 7.89 -0.48
CA GLY A 495 -12.05 8.16 -1.73
C GLY A 495 -12.62 7.40 -2.91
N HIS A 496 -13.24 6.25 -2.65
CA HIS A 496 -13.89 5.49 -3.72
C HIS A 496 -14.97 6.33 -4.39
N MET A 497 -15.73 7.11 -3.62
CA MET A 497 -16.86 7.83 -4.17
C MET A 497 -16.45 8.93 -5.14
N GLY A 498 -15.21 9.42 -5.06
CA GLY A 498 -14.68 10.38 -6.01
C GLY A 498 -13.71 9.79 -7.02
N PHE A 499 -13.57 8.47 -7.06
CA PHE A 499 -12.61 7.81 -7.96
C PHE A 499 -13.20 7.71 -9.36
N GLU A 500 -12.40 8.09 -10.36
CA GLU A 500 -12.84 8.05 -11.75
C GLU A 500 -13.42 6.68 -12.11
N ASN A 501 -12.69 5.61 -11.81
CA ASN A 501 -13.05 4.26 -12.24
C ASN A 501 -13.69 3.44 -11.12
N ALA A 502 -14.48 4.09 -10.26
CA ALA A 502 -15.11 3.41 -9.14
C ALA A 502 -16.54 3.04 -9.50
N ARG A 503 -17.00 1.90 -8.99
CA ARG A 503 -18.36 1.45 -9.27
C ARG A 503 -19.38 2.30 -8.52
N TRP A 504 -19.12 2.58 -7.25
CA TRP A 504 -20.01 3.43 -6.44
C TRP A 504 -19.52 4.87 -6.43
N TYR A 505 -19.21 5.39 -7.61
CA TYR A 505 -18.76 6.78 -7.74
C TYR A 505 -19.92 7.73 -7.52
N CYS A 506 -19.65 8.83 -6.80
CA CYS A 506 -20.67 9.84 -6.53
C CYS A 506 -19.93 11.12 -6.13
N LYS A 507 -19.70 11.99 -7.11
CA LYS A 507 -19.00 13.24 -6.82
C LYS A 507 -19.77 14.09 -5.83
N GLU A 508 -21.10 14.15 -5.98
CA GLU A 508 -21.92 14.89 -5.03
C GLU A 508 -21.71 14.39 -3.61
N CYS A 509 -21.73 13.06 -3.44
CA CYS A 509 -21.45 12.48 -2.13
C CYS A 509 -20.05 12.86 -1.66
N ALA A 510 -19.06 12.78 -2.55
CA ALA A 510 -17.68 13.06 -2.16
C ALA A 510 -17.50 14.51 -1.75
N GLU A 511 -17.97 15.44 -2.57
CA GLU A 511 -17.78 16.86 -2.28
C GLU A 511 -18.69 17.36 -1.18
N SER A 512 -19.80 16.68 -0.91
CA SER A 512 -20.61 17.02 0.27
C SER A 512 -19.86 16.69 1.55
N VAL A 513 -19.15 15.57 1.57
CA VAL A 513 -18.42 15.15 2.76
C VAL A 513 -17.37 16.19 3.13
N THR A 514 -16.59 16.63 2.15
CA THR A 514 -15.58 17.66 2.41
C THR A 514 -16.21 18.98 2.79
N ALA A 515 -17.37 19.30 2.21
CA ALA A 515 -18.03 20.56 2.54
C ALA A 515 -18.46 20.58 4.01
N TRP A 516 -19.00 19.46 4.50
CA TRP A 516 -19.32 19.39 5.93
C TRP A 516 -18.06 19.47 6.78
N GLY A 517 -17.00 18.78 6.36
CA GLY A 517 -15.76 18.81 7.13
C GLY A 517 -15.19 20.20 7.28
N ARG A 518 -15.26 21.00 6.22
CA ARG A 518 -14.85 22.40 6.31
C ARG A 518 -15.69 23.16 7.32
N GLU A 519 -17.00 22.92 7.32
CA GLU A 519 -17.88 23.63 8.24
C GLU A 519 -17.58 23.25 9.69
N TYR A 520 -17.49 21.96 9.98
CA TYR A 520 -17.27 21.52 11.35
C TYR A 520 -15.94 21.99 11.89
N LEU A 521 -14.90 22.00 11.05
CA LEU A 521 -13.59 22.42 11.51
C LEU A 521 -13.53 23.92 11.75
N THR A 522 -14.02 24.71 10.81
CA THR A 522 -13.99 26.17 10.97
C THR A 522 -14.96 26.63 12.05
N MET A 523 -16.08 25.92 12.24
CA MET A 523 -16.96 26.21 13.36
C MET A 523 -16.25 25.99 14.69
N THR A 524 -15.58 24.84 14.83
CA THR A 524 -14.86 24.53 16.05
C THR A 524 -13.76 25.55 16.31
N ILE A 525 -13.02 25.94 15.28
CA ILE A 525 -11.97 26.94 15.45
C ILE A 525 -12.57 28.29 15.84
N LYS A 526 -13.72 28.63 15.27
CA LYS A 526 -14.44 29.84 15.67
C LYS A 526 -14.78 29.79 17.16
N GLU A 527 -15.35 28.68 17.61
CA GLU A 527 -15.78 28.56 19.01
C GLU A 527 -14.60 28.67 19.96
N ILE A 528 -13.52 27.94 19.67
CA ILE A 528 -12.41 27.87 20.61
C ILE A 528 -11.68 29.20 20.71
N GLU A 529 -11.71 30.02 19.66
CA GLU A 529 -11.03 31.30 19.69
C GLU A 529 -11.90 32.39 20.30
N GLU A 530 -13.22 32.34 20.09
CA GLU A 530 -14.11 33.38 20.58
C GLU A 530 -14.69 33.05 21.96
N LYS A 531 -15.16 31.82 22.14
CA LYS A 531 -15.78 31.42 23.39
C LYS A 531 -14.79 30.93 24.44
N TYR A 532 -13.52 30.76 24.07
CA TYR A 532 -12.53 30.26 25.03
C TYR A 532 -11.19 30.99 24.97
N GLY A 533 -10.96 31.86 23.99
CA GLY A 533 -9.77 32.69 24.00
C GLY A 533 -8.52 32.04 23.44
N PHE A 534 -8.65 30.95 22.69
CA PHE A 534 -7.49 30.32 22.09
C PHE A 534 -7.02 31.08 20.86
N LYS A 535 -5.83 30.72 20.38
CA LYS A 535 -5.32 31.19 19.10
C LYS A 535 -4.87 29.96 18.32
N VAL A 536 -5.57 29.68 17.22
CA VAL A 536 -5.27 28.51 16.42
C VAL A 536 -3.98 28.75 15.64
N ILE A 537 -2.96 27.94 15.92
CA ILE A 537 -1.67 28.13 15.28
C ILE A 537 -1.67 27.54 13.87
N TYR A 538 -2.18 26.34 13.71
CA TYR A 538 -2.21 25.67 12.41
C TYR A 538 -3.33 24.64 12.42
N SER A 539 -3.91 24.40 11.25
CA SER A 539 -5.03 23.48 11.12
C SER A 539 -5.02 22.86 9.74
N ASP A 540 -5.08 21.54 9.67
CA ASP A 540 -5.22 20.82 8.42
C ASP A 540 -6.69 20.36 8.29
N THR A 541 -6.97 19.12 7.91
CA THR A 541 -8.32 18.79 7.44
C THR A 541 -9.27 18.49 8.60
N ASP A 542 -8.80 17.82 9.65
CA ASP A 542 -9.68 17.33 10.69
C ASP A 542 -9.34 17.85 12.09
N GLY A 543 -8.33 18.68 12.24
CA GLY A 543 -7.94 19.14 13.56
C GLY A 543 -7.12 20.40 13.46
N PHE A 544 -6.64 20.87 14.62
CA PHE A 544 -5.90 22.11 14.67
C PHE A 544 -4.98 22.12 15.88
N PHE A 545 -3.93 22.93 15.79
CA PHE A 545 -3.03 23.21 16.90
C PHE A 545 -3.39 24.58 17.46
N ALA A 546 -3.67 24.65 18.75
CA ALA A 546 -4.10 25.90 19.37
C ALA A 546 -3.42 26.06 20.74
N THR A 547 -3.45 27.29 21.23
CA THR A 547 -2.92 27.61 22.54
C THR A 547 -3.58 28.88 23.04
N ILE A 548 -3.51 29.09 24.36
CA ILE A 548 -3.90 30.36 24.96
C ILE A 548 -2.68 31.28 24.92
N PRO A 549 -2.73 32.40 24.19
CA PRO A 549 -1.55 33.27 24.09
C PRO A 549 -0.99 33.65 25.44
N GLY A 550 0.22 33.17 25.74
CA GLY A 550 0.73 33.27 27.09
C GLY A 550 0.26 32.09 27.90
N ALA A 551 -0.26 32.37 29.10
CA ALA A 551 -0.83 31.36 29.98
C ALA A 551 0.16 30.27 30.36
N ASP A 552 -0.33 29.24 31.06
CA ASP A 552 0.49 28.18 31.62
C ASP A 552 0.02 26.86 31.01
N ALA A 553 0.82 25.81 31.22
CA ALA A 553 0.53 24.51 30.61
C ALA A 553 -0.86 24.02 31.00
N GLU A 554 -1.08 23.77 32.29
CA GLU A 554 -2.36 23.22 32.74
C GLU A 554 -3.53 24.12 32.35
N THR A 555 -3.35 25.45 32.49
CA THR A 555 -4.38 26.38 32.04
C THR A 555 -4.81 26.09 30.60
N VAL A 556 -3.84 25.82 29.73
CA VAL A 556 -4.17 25.46 28.35
C VAL A 556 -4.89 24.12 28.31
N LYS A 557 -4.42 23.14 29.10
CA LYS A 557 -5.05 21.83 29.09
C LYS A 557 -6.43 21.85 29.73
N LYS A 558 -6.60 22.63 30.81
CA LYS A 558 -7.89 22.64 31.49
C LYS A 558 -8.96 23.28 30.62
N LYS A 559 -8.66 24.46 30.05
CA LYS A 559 -9.61 25.10 29.15
C LYS A 559 -9.85 24.26 27.89
N ALA A 560 -8.83 23.53 27.43
CA ALA A 560 -9.01 22.69 26.26
C ALA A 560 -10.00 21.56 26.54
N MET A 561 -9.92 20.96 27.73
CA MET A 561 -10.85 19.90 28.09
C MET A 561 -12.25 20.47 28.31
N GLU A 562 -12.34 21.68 28.88
CA GLU A 562 -13.63 22.34 29.00
C GLU A 562 -14.24 22.58 27.63
N PHE A 563 -13.44 23.09 26.69
CA PHE A 563 -13.94 23.32 25.33
C PHE A 563 -14.43 22.03 24.69
N LEU A 564 -13.76 20.92 24.97
CA LEU A 564 -14.16 19.63 24.39
C LEU A 564 -15.55 19.22 24.86
N LYS A 565 -15.83 19.38 26.16
CA LYS A 565 -17.16 19.09 26.67
C LYS A 565 -18.20 20.00 26.02
N TYR A 566 -17.86 21.28 25.84
CA TYR A 566 -18.79 22.22 25.23
C TYR A 566 -19.03 21.89 23.75
N ILE A 567 -17.97 21.56 23.03
CA ILE A 567 -18.12 21.38 21.58
C ILE A 567 -18.66 19.99 21.25
N ASN A 568 -18.35 18.97 22.05
CA ASN A 568 -18.87 17.63 21.78
C ASN A 568 -20.36 17.52 22.11
N ALA A 569 -20.86 18.39 22.99
CA ALA A 569 -22.30 18.44 23.23
C ALA A 569 -23.03 19.20 22.14
N LYS A 570 -22.35 20.11 21.45
CA LYS A 570 -22.92 20.84 20.32
C LYS A 570 -22.65 20.15 18.99
N LEU A 571 -21.92 19.03 18.98
CA LEU A 571 -21.59 18.37 17.72
C LEU A 571 -22.57 17.27 17.42
N PRO A 572 -23.15 17.24 16.22
CA PRO A 572 -24.28 16.33 15.94
C PRO A 572 -23.81 14.88 15.80
N GLY A 573 -24.40 14.01 16.61
CA GLY A 573 -24.29 12.58 16.36
C GLY A 573 -22.88 12.06 16.53
N ALA A 574 -22.42 11.31 15.53
CA ALA A 574 -21.14 10.60 15.57
C ALA A 574 -19.94 11.53 15.50
N LEU A 575 -20.13 12.84 15.47
CA LEU A 575 -19.03 13.78 15.37
C LEU A 575 -18.48 14.11 16.76
N GLU A 576 -17.17 14.05 16.90
CA GLU A 576 -16.56 14.20 18.21
C GLU A 576 -15.12 14.69 18.05
N LEU A 577 -14.74 15.65 18.88
CA LEU A 577 -13.38 16.16 18.95
C LEU A 577 -12.67 15.52 20.13
N GLU A 578 -11.40 15.15 19.94
CA GLU A 578 -10.62 14.49 20.97
C GLU A 578 -9.33 15.26 21.28
N TYR A 579 -8.88 15.11 22.52
CA TYR A 579 -7.59 15.64 22.97
C TYR A 579 -6.51 14.65 22.54
N GLU A 580 -5.67 15.04 21.60
CA GLU A 580 -4.70 14.13 21.01
C GLU A 580 -3.26 14.46 21.39
N GLY A 581 -3.05 15.22 22.45
CA GLY A 581 -1.71 15.43 22.97
C GLY A 581 -1.33 16.86 23.28
N PHE A 582 -0.51 17.02 24.31
CA PHE A 582 0.10 18.29 24.66
C PHE A 582 1.56 18.28 24.23
N TYR A 583 2.07 19.45 23.87
CA TYR A 583 3.44 19.57 23.37
C TYR A 583 4.07 20.81 23.97
N LYS A 584 5.22 20.62 24.62
CA LYS A 584 5.91 21.72 25.29
C LYS A 584 6.16 22.88 24.34
N ARG A 585 6.80 22.59 23.20
CA ARG A 585 7.07 23.59 22.19
C ARG A 585 6.75 23.02 20.82
N GLY A 586 6.69 23.89 19.83
CA GLY A 586 6.43 23.47 18.46
C GLY A 586 6.78 24.53 17.45
N PHE A 587 7.53 24.15 16.41
CA PHE A 587 7.87 25.05 15.31
C PHE A 587 6.98 24.75 14.12
N PHE A 588 6.36 25.79 13.58
CA PHE A 588 5.46 25.67 12.43
C PHE A 588 6.04 26.49 11.29
N VAL A 589 6.73 25.82 10.37
CA VAL A 589 7.38 26.51 9.26
C VAL A 589 6.35 26.95 8.22
N THR A 590 5.60 25.99 7.68
CA THR A 590 4.64 26.29 6.63
C THR A 590 3.59 25.20 6.61
N LYS A 591 2.67 25.31 5.66
CA LYS A 591 1.62 24.31 5.52
C LYS A 591 2.23 22.93 5.30
N LYS A 592 1.68 21.92 5.97
CA LYS A 592 2.09 20.52 5.93
C LYS A 592 3.48 20.29 6.50
N LYS A 593 4.18 21.33 6.96
CA LYS A 593 5.57 21.23 7.40
C LYS A 593 5.70 21.86 8.78
N TYR A 594 5.90 21.02 9.80
CA TYR A 594 6.02 21.49 11.17
C TYR A 594 6.68 20.39 11.99
N ALA A 595 7.20 20.79 13.16
CA ALA A 595 7.79 19.85 14.11
C ALA A 595 7.34 20.25 15.51
N VAL A 596 7.16 19.24 16.35
CA VAL A 596 6.58 19.45 17.67
C VAL A 596 7.17 18.44 18.64
N ILE A 597 7.30 18.85 19.91
CA ILE A 597 7.91 18.05 20.95
C ILE A 597 6.99 18.07 22.17
N ASP A 598 6.77 16.88 22.75
CA ASP A 598 5.82 16.76 23.85
C ASP A 598 6.51 17.00 25.19
N GLU A 599 5.83 16.63 26.28
CA GLU A 599 6.37 16.87 27.62
C GLU A 599 7.61 16.01 27.89
N GLU A 600 7.67 14.81 27.31
CA GLU A 600 8.73 13.86 27.61
C GLU A 600 9.92 13.98 26.66
N GLY A 601 9.86 14.87 25.68
CA GLY A 601 10.97 15.08 24.77
C GLY A 601 10.90 14.33 23.46
N LYS A 602 9.76 13.71 23.14
CA LYS A 602 9.59 13.02 21.87
C LYS A 602 9.27 14.05 20.78
N ILE A 603 10.17 14.17 19.81
CA ILE A 603 9.99 15.13 18.72
C ILE A 603 9.30 14.43 17.57
N THR A 604 8.16 15.00 17.14
CA THR A 604 7.43 14.52 15.97
C THR A 604 7.59 15.54 14.85
N THR A 605 8.04 15.09 13.68
CA THR A 605 8.24 15.96 12.54
C THR A 605 7.34 15.53 11.40
N ARG A 606 6.78 16.50 10.69
CA ARG A 606 5.85 16.25 9.59
C ARG A 606 6.20 17.14 8.40
N GLY A 607 6.37 16.52 7.24
CA GLY A 607 6.49 17.25 5.99
C GLY A 607 7.83 17.89 5.71
N LEU A 608 8.59 18.21 6.75
CA LEU A 608 9.88 18.85 6.58
C LEU A 608 10.84 17.94 5.80
N GLU A 609 11.96 18.55 5.37
CA GLU A 609 12.94 17.80 4.58
C GLU A 609 13.44 16.57 5.31
N ILE A 610 13.51 16.63 6.64
CA ILE A 610 14.05 15.53 7.44
C ILE A 610 13.28 14.24 7.21
N VAL A 611 12.00 14.32 6.84
CA VAL A 611 11.21 13.12 6.57
C VAL A 611 11.14 12.79 5.08
N ARG A 612 11.47 13.73 4.19
CA ARG A 612 11.36 13.48 2.76
C ARG A 612 12.50 12.60 2.28
N ARG A 613 12.16 11.56 1.53
CA ARG A 613 13.16 10.59 1.07
C ARG A 613 14.03 11.12 -0.07
N ASP A 614 13.63 12.21 -0.72
CA ASP A 614 14.36 12.74 -1.86
C ASP A 614 15.32 13.86 -1.49
N TRP A 615 15.85 13.85 -0.28
CA TRP A 615 16.84 14.81 0.17
C TRP A 615 18.08 14.08 0.68
N SER A 616 19.22 14.74 0.59
CA SER A 616 20.46 14.15 1.06
C SER A 616 20.43 13.98 2.58
N GLU A 617 21.12 12.95 3.06
CA GLU A 617 21.14 12.68 4.50
C GLU A 617 21.78 13.82 5.27
N ILE A 618 22.81 14.44 4.70
CA ILE A 618 23.47 15.56 5.36
C ILE A 618 22.51 16.74 5.53
N ALA A 619 21.50 16.84 4.66
CA ALA A 619 20.50 17.88 4.83
C ALA A 619 19.50 17.52 5.93
N LYS A 620 19.03 16.27 5.94
CA LYS A 620 18.12 15.85 7.00
C LYS A 620 18.82 15.86 8.36
N GLU A 621 20.01 15.25 8.43
CA GLU A 621 20.69 15.08 9.71
C GLU A 621 20.89 16.41 10.43
N THR A 622 21.22 17.46 9.68
CA THR A 622 21.51 18.75 10.30
C THR A 622 20.25 19.54 10.60
N GLN A 623 19.22 19.42 9.75
CA GLN A 623 17.93 20.02 10.09
C GLN A 623 17.35 19.37 11.34
N ALA A 624 17.55 18.06 11.48
CA ALA A 624 17.16 17.37 12.71
C ALA A 624 17.82 17.98 13.93
N ARG A 625 19.15 18.19 13.84
CA ARG A 625 19.89 18.72 14.98
C ARG A 625 19.51 20.17 15.26
N VAL A 626 19.26 20.95 14.21
CA VAL A 626 18.82 22.33 14.40
C VAL A 626 17.46 22.37 15.07
N LEU A 627 16.55 21.49 14.66
CA LEU A 627 15.24 21.40 15.28
C LEU A 627 15.36 20.91 16.72
N GLU A 628 16.27 19.97 16.98
CA GLU A 628 16.43 19.44 18.33
C GLU A 628 16.86 20.53 19.30
N ALA A 629 18.00 21.17 19.03
CA ALA A 629 18.47 22.24 19.90
C ALA A 629 17.46 23.37 20.03
N LEU A 630 16.50 23.46 19.12
CA LEU A 630 15.46 24.47 19.18
C LEU A 630 14.29 24.06 20.07
N LEU A 631 13.91 22.78 20.05
CA LEU A 631 12.78 22.30 20.81
C LEU A 631 13.17 21.61 22.12
N LYS A 632 14.41 21.15 22.24
CA LYS A 632 14.85 20.45 23.45
C LYS A 632 15.29 21.42 24.53
N ASP A 633 16.13 22.39 24.19
CA ASP A 633 16.57 23.41 25.14
C ASP A 633 16.36 24.83 24.63
N GLY A 634 15.81 25.01 23.43
CA GLY A 634 15.73 26.34 22.86
C GLY A 634 17.08 26.99 22.64
N ASP A 635 18.12 26.19 22.46
CA ASP A 635 19.49 26.67 22.34
C ASP A 635 19.71 27.13 20.89
N VAL A 636 19.31 28.37 20.63
CA VAL A 636 19.41 28.93 19.29
C VAL A 636 20.87 29.08 18.87
N GLU A 637 21.76 29.41 19.82
CA GLU A 637 23.16 29.62 19.45
C GLU A 637 23.83 28.31 19.09
N LYS A 638 23.51 27.22 19.79
CA LYS A 638 24.06 25.93 19.40
C LYS A 638 23.50 25.46 18.06
N ALA A 639 22.23 25.77 17.79
CA ALA A 639 21.65 25.41 16.49
C ALA A 639 22.33 26.15 15.35
N VAL A 640 22.61 27.44 15.54
CA VAL A 640 23.27 28.20 14.48
C VAL A 640 24.74 27.81 14.39
N ARG A 641 25.34 27.36 15.50
CA ARG A 641 26.69 26.82 15.42
C ARG A 641 26.73 25.55 14.57
N ILE A 642 25.76 24.65 14.79
CA ILE A 642 25.74 23.36 14.09
C ILE A 642 25.77 23.56 12.58
N VAL A 643 25.00 24.52 12.07
CA VAL A 643 25.00 24.79 10.63
C VAL A 643 26.39 25.23 10.18
N LYS A 644 27.12 25.93 11.04
CA LYS A 644 28.46 26.40 10.67
C LYS A 644 29.49 25.29 10.69
N GLU A 645 29.34 24.29 11.57
CA GLU A 645 30.28 23.18 11.57
C GLU A 645 30.09 22.29 10.35
N VAL A 646 28.83 22.01 9.99
CA VAL A 646 28.56 21.13 8.86
C VAL A 646 28.89 21.82 7.55
N THR A 647 28.65 23.12 7.45
CA THR A 647 28.97 23.83 6.22
C THR A 647 30.47 23.88 5.97
N GLU A 648 31.29 23.85 7.03
CA GLU A 648 32.73 23.78 6.83
C GLU A 648 33.18 22.36 6.50
N LYS A 649 32.50 21.36 7.04
CA LYS A 649 32.80 19.97 6.70
C LYS A 649 32.59 19.71 5.21
N LEU A 650 31.52 20.29 4.64
CA LEU A 650 31.25 20.12 3.22
C LEU A 650 32.34 20.78 2.38
N SER A 651 32.63 22.05 2.65
CA SER A 651 33.59 22.80 1.83
C SER A 651 34.98 22.17 1.88
N LYS A 652 35.31 21.46 2.95
CA LYS A 652 36.57 20.76 3.06
C LYS A 652 36.42 19.27 2.76
N TYR A 653 35.28 18.87 2.19
CA TYR A 653 35.06 17.53 1.66
C TYR A 653 35.23 16.44 2.73
N GLU A 654 34.96 16.80 3.98
CA GLU A 654 35.11 15.87 5.10
C GLU A 654 33.85 15.05 5.37
N VAL A 655 32.75 15.32 4.67
CA VAL A 655 31.50 14.61 4.91
C VAL A 655 31.44 13.40 3.98
N PRO A 656 31.11 12.22 4.50
CA PRO A 656 31.07 11.00 3.66
C PRO A 656 30.15 11.18 2.48
N PRO A 657 30.61 10.85 1.27
CA PRO A 657 29.76 10.97 0.08
C PRO A 657 28.42 10.24 0.20
N GLU A 658 28.34 9.23 1.08
CA GLU A 658 27.09 8.50 1.26
C GLU A 658 25.99 9.42 1.80
N LYS A 659 26.35 10.42 2.59
CA LYS A 659 25.36 11.33 3.15
C LYS A 659 24.88 12.37 2.14
N LEU A 660 25.45 12.39 0.94
CA LEU A 660 25.09 13.37 -0.07
C LEU A 660 24.33 12.75 -1.24
N VAL A 661 23.82 11.53 -1.06
CA VAL A 661 23.10 10.84 -2.12
C VAL A 661 21.63 11.25 -2.09
N ILE A 662 21.11 11.62 -3.26
CA ILE A 662 19.70 11.99 -3.42
C ILE A 662 18.98 10.82 -4.07
N HIS A 663 17.94 10.33 -3.41
CA HIS A 663 17.16 9.20 -3.91
C HIS A 663 15.84 9.73 -4.48
N LYS A 664 15.63 9.52 -5.78
CA LYS A 664 14.39 9.91 -6.44
C LYS A 664 13.96 8.82 -7.40
N GLN A 665 12.68 8.48 -7.37
CA GLN A 665 12.14 7.38 -8.14
C GLN A 665 11.57 7.87 -9.46
N ILE A 666 11.79 7.11 -10.52
CA ILE A 666 11.17 7.38 -11.81
C ILE A 666 9.79 6.72 -11.81
N THR A 667 8.83 7.37 -12.44
CA THR A 667 7.43 7.00 -12.32
C THR A 667 6.78 6.58 -13.64
N ARG A 668 7.52 6.60 -14.74
CA ARG A 668 6.94 6.34 -16.05
C ARG A 668 8.08 5.95 -16.98
N ASP A 669 7.73 5.67 -18.23
CA ASP A 669 8.76 5.36 -19.20
C ASP A 669 9.37 6.67 -19.69
N LEU A 670 10.66 6.63 -19.98
CA LEU A 670 11.46 7.85 -20.15
C LEU A 670 11.11 8.60 -21.41
N LYS A 671 10.46 7.95 -22.38
CA LYS A 671 9.97 8.70 -23.53
C LYS A 671 8.79 9.60 -23.12
N ASP A 672 8.03 9.22 -22.09
CA ASP A 672 6.87 9.96 -21.64
C ASP A 672 7.22 11.09 -20.68
N TYR A 673 8.48 11.49 -20.60
CA TYR A 673 8.89 12.57 -19.72
C TYR A 673 8.92 13.88 -20.49
N LYS A 674 8.31 14.92 -19.91
CA LYS A 674 8.29 16.24 -20.51
C LYS A 674 9.23 17.22 -19.83
N ALA A 675 9.82 16.83 -18.69
CA ALA A 675 10.77 17.68 -17.97
C ALA A 675 11.86 16.78 -17.39
N THR A 676 13.07 16.92 -17.91
CA THR A 676 14.18 16.06 -17.51
C THR A 676 14.94 16.72 -16.37
N GLY A 677 14.61 16.32 -15.14
CA GLY A 677 15.38 16.72 -13.98
C GLY A 677 16.60 15.85 -13.81
N PRO A 678 17.43 16.21 -12.82
CA PRO A 678 18.68 15.47 -12.60
C PRO A 678 18.52 13.97 -12.49
N HIS A 679 17.48 13.49 -11.80
CA HIS A 679 17.30 12.06 -11.63
C HIS A 679 16.85 11.38 -12.93
N VAL A 680 16.05 12.08 -13.74
CA VAL A 680 15.63 11.51 -15.01
C VAL A 680 16.78 11.49 -16.00
N ALA A 681 17.60 12.55 -16.00
CA ALA A 681 18.76 12.60 -16.89
C ALA A 681 19.72 11.46 -16.60
N VAL A 682 19.93 11.14 -15.32
CA VAL A 682 20.78 10.01 -14.97
C VAL A 682 20.16 8.71 -15.47
N ALA A 683 18.85 8.53 -15.27
CA ALA A 683 18.17 7.32 -15.70
C ALA A 683 18.16 7.16 -17.21
N LYS A 684 18.29 8.26 -17.97
CA LYS A 684 18.31 8.16 -19.43
C LYS A 684 19.66 7.67 -19.94
N ARG A 685 20.75 8.17 -19.35
CA ARG A 685 22.07 7.66 -19.71
C ARG A 685 22.26 6.21 -19.27
N LEU A 686 21.52 5.76 -18.26
CA LEU A 686 21.57 4.36 -17.88
C LEU A 686 20.85 3.49 -18.91
N ALA A 687 19.71 3.97 -19.42
CA ALA A 687 19.03 3.26 -20.51
C ALA A 687 19.89 3.18 -21.76
N ALA A 688 20.85 4.09 -21.92
CA ALA A 688 21.79 4.00 -23.04
C ALA A 688 22.80 2.88 -22.85
N ARG A 689 23.00 2.40 -21.63
CA ARG A 689 23.80 1.22 -21.37
C ARG A 689 22.99 -0.05 -21.30
N GLY A 690 21.69 0.02 -21.53
CA GLY A 690 20.83 -1.15 -21.49
C GLY A 690 20.62 -1.68 -20.08
N VAL A 691 19.98 -0.88 -19.23
CA VAL A 691 19.65 -1.29 -17.87
C VAL A 691 18.15 -1.26 -17.71
N LYS A 692 17.66 -2.01 -16.72
CA LYS A 692 16.23 -2.12 -16.44
C LYS A 692 15.76 -0.85 -15.75
N ILE A 693 15.26 0.10 -16.52
CA ILE A 693 14.62 1.27 -15.94
C ILE A 693 13.12 1.15 -16.17
N ARG A 694 12.40 0.65 -15.18
CA ARG A 694 10.96 0.51 -15.21
C ARG A 694 10.33 1.49 -14.23
N PRO A 695 9.04 1.78 -14.38
CA PRO A 695 8.35 2.58 -13.36
C PRO A 695 8.51 1.97 -11.98
N GLY A 696 9.04 2.77 -11.05
CA GLY A 696 9.23 2.36 -9.67
C GLY A 696 10.68 2.27 -9.23
N THR A 697 11.63 2.22 -10.15
CA THR A 697 13.03 2.15 -9.77
C THR A 697 13.52 3.48 -9.23
N VAL A 698 14.36 3.42 -8.19
CA VAL A 698 14.86 4.59 -7.50
C VAL A 698 16.23 4.96 -8.05
N ILE A 699 16.39 6.21 -8.45
CA ILE A 699 17.68 6.74 -8.87
C ILE A 699 18.38 7.32 -7.66
N SER A 700 19.63 6.90 -7.44
CA SER A 700 20.44 7.38 -6.32
C SER A 700 21.67 8.05 -6.90
N TYR A 701 21.66 9.38 -7.00
CA TYR A 701 22.72 10.12 -7.66
C TYR A 701 23.41 11.07 -6.69
N ILE A 702 24.69 11.31 -6.95
CA ILE A 702 25.47 12.32 -6.28
C ILE A 702 25.88 13.37 -7.31
N VAL A 703 25.98 14.62 -6.86
CA VAL A 703 26.33 15.74 -7.74
C VAL A 703 27.83 15.98 -7.61
N LEU A 704 28.53 15.97 -8.74
CA LEU A 704 29.97 16.14 -8.76
C LEU A 704 30.34 17.61 -8.95
N LYS A 705 31.51 17.96 -8.44
CA LYS A 705 31.99 19.34 -8.55
C LYS A 705 32.14 19.73 -10.00
N GLY A 706 31.48 20.82 -10.39
CA GLY A 706 31.55 21.28 -11.76
C GLY A 706 30.61 22.45 -11.97
N SER A 707 30.33 22.73 -13.24
CA SER A 707 29.44 23.81 -13.62
C SER A 707 28.47 23.30 -14.68
N GLY A 708 27.45 24.11 -14.94
CA GLY A 708 26.37 23.72 -15.83
C GLY A 708 25.16 23.21 -15.07
N ARG A 709 24.31 22.50 -15.79
CA ARG A 709 23.12 21.93 -15.19
C ARG A 709 23.49 20.85 -14.18
N ILE A 710 22.61 20.64 -13.21
CA ILE A 710 22.83 19.60 -12.21
C ILE A 710 22.79 18.23 -12.88
N GLY A 711 21.88 18.04 -13.83
CA GLY A 711 21.74 16.78 -14.54
C GLY A 711 22.89 16.42 -15.45
N ASP A 712 23.91 17.28 -15.55
CA ASP A 712 25.09 16.98 -16.36
C ASP A 712 26.29 16.55 -15.51
N ARG A 713 26.27 16.81 -14.20
CA ARG A 713 27.34 16.39 -13.31
C ARG A 713 26.85 15.42 -12.24
N ALA A 714 25.64 14.89 -12.39
CA ALA A 714 25.10 13.91 -11.46
C ALA A 714 25.37 12.51 -12.00
N ILE A 715 26.03 11.69 -11.18
CA ILE A 715 26.31 10.30 -11.55
C ILE A 715 25.67 9.40 -10.50
N PRO A 716 25.34 8.15 -10.83
CA PRO A 716 24.82 7.24 -9.80
C PRO A 716 25.87 7.01 -8.73
N PHE A 717 25.41 6.68 -7.53
CA PHE A 717 26.35 6.58 -6.41
C PHE A 717 27.24 5.36 -6.52
N ASP A 718 26.71 4.24 -7.03
CA ASP A 718 27.54 3.06 -7.25
C ASP A 718 28.67 3.33 -8.23
N GLU A 719 28.63 4.44 -8.95
CA GLU A 719 29.65 4.85 -9.90
C GLU A 719 30.63 5.85 -9.33
N PHE A 720 30.45 6.25 -8.07
CA PHE A 720 31.28 7.27 -7.44
C PHE A 720 32.53 6.60 -6.85
N ASP A 721 33.70 7.06 -7.26
CA ASP A 721 34.97 6.61 -6.71
C ASP A 721 35.65 7.81 -6.07
N PRO A 722 35.82 7.83 -4.75
CA PRO A 722 36.34 9.04 -4.09
C PRO A 722 37.73 9.46 -4.55
N THR A 723 38.58 8.51 -4.96
CA THR A 723 39.90 8.88 -5.43
C THR A 723 39.84 9.66 -6.75
N LYS A 724 38.84 9.37 -7.59
CA LYS A 724 38.74 9.97 -8.91
C LYS A 724 37.68 11.07 -9.01
N HIS A 725 36.81 11.21 -8.02
CA HIS A 725 35.74 12.20 -8.07
C HIS A 725 35.74 13.05 -6.81
N ARG A 726 35.21 14.26 -6.95
CA ARG A 726 35.01 15.19 -5.85
C ARG A 726 33.58 15.70 -5.93
N TYR A 727 32.80 15.52 -4.87
CA TYR A 727 31.41 15.94 -4.93
C TYR A 727 31.32 17.46 -4.85
N ASP A 728 30.22 17.99 -5.37
CA ASP A 728 30.01 19.44 -5.45
C ASP A 728 29.62 19.95 -4.07
N ALA A 729 30.62 20.34 -3.28
CA ALA A 729 30.36 20.89 -1.95
C ALA A 729 29.50 22.14 -2.04
N GLU A 730 29.74 22.98 -3.06
CA GLU A 730 28.95 24.21 -3.21
C GLU A 730 27.47 23.90 -3.41
N TYR A 731 27.16 22.86 -4.19
CA TYR A 731 25.76 22.52 -4.42
C TYR A 731 25.06 22.13 -3.12
N TYR A 732 25.65 21.20 -2.37
CA TYR A 732 25.01 20.71 -1.16
C TYR A 732 25.00 21.74 -0.04
N ILE A 733 25.90 22.73 -0.09
CA ILE A 733 25.85 23.81 0.89
C ILE A 733 24.71 24.76 0.56
N GLU A 734 24.69 25.28 -0.67
CA GLU A 734 23.77 26.35 -1.03
C GLU A 734 22.42 25.87 -1.53
N LYS A 735 22.27 24.59 -1.87
CA LYS A 735 21.03 24.09 -2.42
C LYS A 735 20.40 22.96 -1.62
N GLN A 736 21.05 22.49 -0.55
CA GLN A 736 20.50 21.39 0.22
C GLN A 736 20.48 21.70 1.71
N VAL A 737 21.64 22.01 2.28
CA VAL A 737 21.73 22.22 3.73
C VAL A 737 21.17 23.58 4.11
N LEU A 738 21.80 24.65 3.59
CA LEU A 738 21.39 26.01 3.96
C LEU A 738 19.92 26.30 3.66
N PRO A 739 19.37 25.97 2.48
CA PRO A 739 17.94 26.21 2.27
C PRO A 739 17.06 25.48 3.27
N ALA A 740 17.50 24.31 3.76
CA ALA A 740 16.66 23.54 4.68
C ALA A 740 16.66 24.10 6.08
N VAL A 741 17.78 24.68 6.53
CA VAL A 741 17.83 25.24 7.88
C VAL A 741 17.48 26.72 7.91
N GLU A 742 17.62 27.43 6.80
CA GLU A 742 17.27 28.85 6.77
C GLU A 742 15.78 29.04 6.93
N ARG A 743 14.98 28.17 6.32
CA ARG A 743 13.52 28.27 6.42
C ARG A 743 13.04 28.15 7.86
N ILE A 744 13.84 27.55 8.73
CA ILE A 744 13.51 27.48 10.15
C ILE A 744 14.12 28.66 10.90
N LEU A 745 15.44 28.87 10.76
CA LEU A 745 16.15 29.90 11.51
C LEU A 745 15.84 31.32 11.02
N ARG A 746 15.12 31.46 9.91
CA ARG A 746 14.75 32.80 9.46
C ARG A 746 13.85 33.50 10.47
N ALA A 747 13.10 32.72 11.26
CA ALA A 747 12.25 33.30 12.30
C ALA A 747 13.07 33.92 13.42
N PHE A 748 14.37 33.64 13.48
CA PHE A 748 15.25 34.16 14.53
C PHE A 748 16.21 35.22 14.00
N GLY A 749 15.93 35.77 12.82
CA GLY A 749 16.74 36.80 12.23
C GLY A 749 17.91 36.32 11.41
N TYR A 750 18.34 35.08 11.62
CA TYR A 750 19.51 34.56 10.91
C TYR A 750 19.20 34.39 9.42
N ARG A 751 20.17 34.76 8.59
CA ARG A 751 20.11 34.56 7.16
C ARG A 751 21.30 33.71 6.73
N LYS A 752 21.24 33.20 5.49
CA LYS A 752 22.21 32.22 5.02
C LYS A 752 23.64 32.71 5.18
N GLU A 753 23.89 33.97 4.83
CA GLU A 753 25.22 34.56 4.99
C GLU A 753 25.71 34.44 6.42
N ASP A 754 24.80 34.51 7.40
CA ASP A 754 25.13 34.36 8.81
C ASP A 754 25.29 32.89 9.23
N LEU A 755 25.27 31.96 8.27
CA LEU A 755 25.34 30.54 8.55
C LEU A 755 26.44 29.80 7.79
N ARG A 756 27.13 30.47 6.87
CA ARG A 756 28.12 29.84 6.00
C ARG A 756 29.48 29.70 6.69
MG MG D . -6.53 7.71 14.30
MG MG E . -9.47 12.92 12.08
MG MG F . -6.16 13.54 12.22
N1 XG4 G . -7.25 8.57 1.51
C2 XG4 G . -8.48 9.32 1.37
N2 XG4 G . -9.36 9.14 0.22
N3 XG4 G . -8.85 10.28 2.38
C4 XG4 G . -7.98 10.50 3.57
C5 XG4 G . -6.82 9.81 3.73
C6 XG4 G . -6.42 8.78 2.67
O6 XG4 G . -5.41 8.16 2.77
N7 XG4 G . -6.27 10.21 4.89
C8 XG4 G . -7.08 11.15 5.43
N9 XG4 G . -8.12 11.30 4.60
PA XG4 G . -7.40 10.87 10.09
PB XG4 G . -8.34 9.93 12.77
PG XG4 G . -7.51 11.42 15.03
C1' XG4 G . -8.92 12.31 5.26
O1A XG4 G . -6.69 12.04 10.71
O1B XG4 G . -6.93 9.42 12.92
O1G XG4 G . -7.26 10.05 15.63
C2' XG4 G . -10.26 11.57 5.79
O2A XG4 G . -6.33 9.87 9.74
O2B XG4 G . -9.29 8.87 13.28
O2G XG4 G . -8.17 12.30 16.06
C3' XG4 G . -10.08 11.41 7.05
O3' XG4 G . -11.40 11.25 7.75
N3A XG4 G . -8.62 10.25 11.12
O3B XG4 G . -8.45 11.29 13.68
O3G XG4 G . -6.20 11.99 14.55
C4' XG4 G . -9.36 12.72 7.42
O4' XG4 G . -8.35 12.85 6.28
C5' XG4 G . -8.66 12.58 8.63
O5' XG4 G . -8.19 11.29 8.72
MG MG H . -5.95 -16.42 -5.87
MG MG I . -21.36 -4.57 -12.12
MN MN J . -8.65 11.16 -9.28
N1 IMD K . 0.89 15.31 16.05
C2 IMD K . 1.46 15.26 14.86
N3 IMD K . 0.51 15.29 13.95
C4 IMD K . -0.72 15.37 14.56
C5 IMD K . -0.47 15.38 15.89
C1 GOL L . 1.64 20.77 -9.98
O1 GOL L . 2.93 20.33 -10.36
C2 GOL L . 1.78 21.93 -9.01
O2 GOL L . 2.07 21.41 -7.73
C3 GOL L . 2.86 22.89 -9.48
O3 GOL L . 2.70 23.08 -10.87
C1 GOL M . 19.04 27.99 -15.87
O1 GOL M . 17.80 27.35 -15.69
C2 GOL M . 19.16 28.47 -17.30
O2 GOL M . 17.94 29.05 -17.69
C3 GOL M . 19.54 27.32 -18.21
O3 GOL M . 18.64 26.26 -17.97
#